data_1AFV
#
_entry.id   1AFV
#
_cell.length_a   119.900
_cell.length_b   92.300
_cell.length_c   149.300
_cell.angle_alpha   90.00
_cell.angle_beta   90.00
_cell.angle_gamma   90.00
#
_symmetry.space_group_name_H-M   'P 21 2 21'
#
loop_
_entity.id
_entity.type
_entity.pdbx_description
1 polymer 'HUMAN IMMUNODEFICIENCY VIRUS TYPE 1 CAPSID PROTEIN'
2 polymer 'ANTIBODY FAB25.3 FRAGMENT (LIGHT CHAIN)'
3 polymer 'ANTIBODY FAB25.3 FRAGMENT (HEAVY CHAIN)'
4 non-polymer 'LEAD (II) ION'
#
loop_
_entity_poly.entity_id
_entity_poly.type
_entity_poly.pdbx_seq_one_letter_code
_entity_poly.pdbx_strand_id
1 'polypeptide(L)'
;PIVQNLQGQMVHQAISPRTLNAWVKVVEEKAFSPEVIPMFSALSEGATPQDLNTMLNTVGGHQAAMQMLKETINEEAAEW
DRLHPVHAGPIAPGQMREPRGSDIAGTTSTLQEQIGWMTHNPPIPVGEIYKRWIILGLNKIVRMYSPTSIL
;
A,B
2 'polypeptide(L)'
;DIVLTQSPASLAVSLGQRATISCRASESVDNYGISFMNWFQQKPGQPPKLLIYAASNLGSGVPARFSGSGSGTDFSLNIH
PMEEEDTAMYFCQQSKEVPLTFGAGTKVELKRADAAPTVSIFPPSSEQLTSGGASVVCFLNNFYPKDINVKWKIDGSERQ
NGVLNSWTDQDSKDSTYSMSSTLTLTKDEYERHNSYTCEATHKTSTSPIVKSFNRNE
;
L,M
3 'polypeptide(L)'
;QVQLQQPGSVLVRPGASVKLSCKASGYTFTSSWIHWAKQRPGQGLEWIGEIHPNSGNTNYNEKFKGKATLTVDTSSSTAY
VDLSSLTSEDSAVYYCARWRYGSPYYFDYWGQGTTLTVSSAKTTPPSVYPLAPGSAAQTNSMVTLGCLVKGYFPEPVTVT
WNSGSLSSGVHTFPAVLQSDLYTLSSSVTVPSSTWPSETVTCNVAHPASSTKVDKKIVPK
;
H,K
#
loop_
_chem_comp.id
_chem_comp.type
_chem_comp.name
_chem_comp.formula
PB non-polymer 'LEAD (II) ION' 'Pb 2'
#
# COMPACT_ATOMS: atom_id res chain seq x y z
N PRO A 1 19.82 0.72 9.60
CA PRO A 1 19.46 2.11 9.92
C PRO A 1 19.58 2.97 8.66
N ILE A 2 19.41 4.28 8.82
CA ILE A 2 19.49 5.23 7.72
C ILE A 2 19.56 6.68 8.20
N VAL A 3 18.71 7.05 9.16
CA VAL A 3 18.69 8.41 9.71
C VAL A 3 19.75 8.62 10.80
N GLN A 4 20.96 8.11 10.58
CA GLN A 4 22.03 8.26 11.58
C GLN A 4 22.43 9.71 11.70
N ASN A 5 23.22 10.20 10.75
CA ASN A 5 23.63 11.60 10.77
C ASN A 5 23.10 12.21 9.49
N LEU A 6 22.07 11.57 8.92
CA LEU A 6 21.44 12.00 7.68
C LEU A 6 22.38 11.99 6.47
N GLN A 7 23.65 11.66 6.70
CA GLN A 7 24.64 11.61 5.64
C GLN A 7 24.51 10.29 4.89
N GLY A 8 23.26 9.93 4.60
CA GLY A 8 22.94 8.72 3.89
C GLY A 8 21.64 9.03 3.17
N GLN A 9 21.62 8.76 1.87
CA GLN A 9 20.44 9.00 1.06
C GLN A 9 19.60 7.72 1.09
N MET A 10 19.18 7.21 -0.07
CA MET A 10 18.38 5.97 -0.13
C MET A 10 19.11 4.80 0.53
N VAL A 11 20.32 5.07 1.00
CA VAL A 11 21.18 4.11 1.69
C VAL A 11 20.45 3.54 2.91
N HIS A 12 20.72 2.28 3.22
CA HIS A 12 20.12 1.63 4.37
C HIS A 12 20.87 0.33 4.65
N GLN A 13 20.80 -0.11 5.90
CA GLN A 13 21.44 -1.35 6.33
C GLN A 13 20.56 -1.97 7.42
N ALA A 14 20.57 -3.30 7.54
CA ALA A 14 19.78 -3.98 8.58
C ALA A 14 20.57 -3.82 9.87
N ILE A 15 19.86 -3.66 10.99
CA ILE A 15 20.53 -3.48 12.28
C ILE A 15 21.50 -4.62 12.54
N SER A 16 22.77 -4.26 12.65
CA SER A 16 23.82 -5.23 12.89
C SER A 16 23.46 -6.04 14.11
N PRO A 17 23.50 -7.37 13.99
CA PRO A 17 23.19 -8.30 15.08
C PRO A 17 24.01 -7.95 16.29
N ARG A 18 25.18 -7.36 16.06
CA ARG A 18 26.05 -6.96 17.14
C ARG A 18 25.22 -6.03 18.02
N THR A 19 24.66 -5.02 17.39
CA THR A 19 23.84 -4.02 18.05
C THR A 19 22.55 -4.60 18.64
N LEU A 20 21.88 -5.43 17.87
CA LEU A 20 20.63 -6.03 18.31
C LEU A 20 20.88 -6.90 19.53
N ASN A 21 21.83 -7.81 19.41
CA ASN A 21 22.19 -8.71 20.49
C ASN A 21 22.57 -7.89 21.73
N ALA A 22 23.19 -6.73 21.48
CA ALA A 22 23.59 -5.83 22.55
C ALA A 22 22.38 -5.35 23.34
N TRP A 23 21.31 -5.00 22.62
CA TRP A 23 20.09 -4.55 23.27
C TRP A 23 19.60 -5.61 24.24
N VAL A 24 19.56 -6.85 23.76
CA VAL A 24 19.11 -7.96 24.58
C VAL A 24 19.91 -7.98 25.88
N LYS A 25 21.22 -8.19 25.78
CA LYS A 25 22.08 -8.25 26.97
C LYS A 25 21.88 -7.05 27.89
N VAL A 26 21.75 -5.85 27.30
CA VAL A 26 21.55 -4.62 28.07
C VAL A 26 20.36 -4.71 29.04
N VAL A 27 19.19 -5.01 28.49
CA VAL A 27 17.98 -5.14 29.30
C VAL A 27 18.07 -6.41 30.15
N GLU A 28 18.87 -7.36 29.69
CA GLU A 28 19.08 -8.63 30.38
C GLU A 28 19.89 -8.43 31.65
N GLU A 29 20.90 -7.57 31.60
CA GLU A 29 21.75 -7.30 32.74
C GLU A 29 21.27 -6.16 33.62
N LYS A 30 20.60 -5.19 33.00
CA LYS A 30 20.12 -4.03 33.74
C LYS A 30 18.63 -3.88 33.89
N ALA A 31 17.86 -4.71 33.19
CA ALA A 31 16.41 -4.65 33.26
C ALA A 31 15.92 -3.27 32.87
N PHE A 32 14.79 -2.86 33.42
CA PHE A 32 14.23 -1.55 33.13
C PHE A 32 14.72 -0.42 34.05
N SER A 33 15.96 -0.50 34.51
CA SER A 33 16.52 0.54 35.35
C SER A 33 16.62 1.76 34.44
N PRO A 34 16.73 2.98 35.02
CA PRO A 34 16.81 4.22 34.22
C PRO A 34 17.82 4.21 33.08
N GLU A 35 18.81 3.32 33.15
CA GLU A 35 19.84 3.26 32.11
C GLU A 35 19.41 2.50 30.85
N VAL A 36 18.20 1.93 30.88
CA VAL A 36 17.70 1.18 29.73
C VAL A 36 17.36 2.11 28.56
N ILE A 37 16.97 3.33 28.91
CA ILE A 37 16.59 4.33 27.91
C ILE A 37 17.80 4.82 27.08
N PRO A 38 18.86 5.29 27.75
CA PRO A 38 20.05 5.77 27.04
C PRO A 38 20.63 4.74 26.08
N MET A 39 20.85 3.52 26.58
CA MET A 39 21.41 2.46 25.77
C MET A 39 20.51 2.12 24.61
N PHE A 40 19.20 2.28 24.81
CA PHE A 40 18.24 2.01 23.76
C PHE A 40 18.53 2.95 22.60
N SER A 41 18.51 4.26 22.88
CA SER A 41 18.75 5.28 21.87
C SER A 41 20.08 5.08 21.14
N ALA A 42 21.10 4.67 21.88
CA ALA A 42 22.43 4.43 21.32
C ALA A 42 22.38 3.30 20.31
N LEU A 43 21.68 2.22 20.65
CA LEU A 43 21.54 1.07 19.76
C LEU A 43 20.38 1.28 18.81
N SER A 44 20.01 2.53 18.59
CA SER A 44 18.90 2.85 17.71
C SER A 44 19.28 3.96 16.75
N GLU A 45 20.57 4.10 16.47
CA GLU A 45 21.08 5.14 15.58
C GLU A 45 20.27 5.39 14.31
N GLY A 46 19.28 6.29 14.41
CA GLY A 46 18.43 6.63 13.28
C GLY A 46 18.01 5.43 12.44
N ALA A 47 17.47 4.42 13.09
CA ALA A 47 17.04 3.23 12.38
C ALA A 47 15.63 3.39 11.85
N THR A 48 15.18 2.37 11.12
CA THR A 48 13.85 2.35 10.54
C THR A 48 12.85 1.81 11.55
N PRO A 49 11.58 2.24 11.48
CA PRO A 49 10.56 1.77 12.42
C PRO A 49 10.58 0.26 12.62
N GLN A 50 10.82 -0.51 11.56
CA GLN A 50 10.86 -1.95 11.69
C GLN A 50 12.01 -2.36 12.62
N ASP A 51 13.22 -1.87 12.35
CA ASP A 51 14.39 -2.19 13.18
C ASP A 51 14.08 -1.92 14.65
N LEU A 52 13.38 -0.82 14.90
CA LEU A 52 13.01 -0.45 16.25
C LEU A 52 12.02 -1.49 16.80
N ASN A 53 11.01 -1.84 16.00
CA ASN A 53 10.01 -2.84 16.41
C ASN A 53 10.68 -4.16 16.73
N THR A 54 11.73 -4.48 15.97
CA THR A 54 12.50 -5.71 16.15
C THR A 54 13.14 -5.68 17.54
N MET A 55 13.85 -4.60 17.84
CA MET A 55 14.51 -4.41 19.13
C MET A 55 13.54 -4.63 20.30
N LEU A 56 12.47 -3.84 20.32
CA LEU A 56 11.43 -3.92 21.36
C LEU A 56 10.92 -5.35 21.49
N ASN A 57 10.63 -5.94 20.34
CA ASN A 57 10.14 -7.31 20.27
C ASN A 57 11.16 -8.27 20.84
N THR A 58 12.43 -8.00 20.57
CA THR A 58 13.52 -8.84 21.04
C THR A 58 13.50 -8.97 22.55
N VAL A 59 13.43 -7.85 23.24
CA VAL A 59 13.41 -7.90 24.69
C VAL A 59 12.05 -7.59 25.33
N GLY A 60 10.97 -8.06 24.71
CA GLY A 60 9.64 -7.84 25.26
C GLY A 60 9.36 -8.88 26.34
N GLY A 61 10.30 -9.02 27.27
CA GLY A 61 10.23 -9.99 28.36
C GLY A 61 8.95 -10.25 29.14
N HIS A 62 8.22 -9.20 29.52
CA HIS A 62 7.00 -9.40 30.30
C HIS A 62 5.86 -8.46 29.95
N GLN A 63 4.73 -9.05 29.56
CA GLN A 63 3.54 -8.32 29.15
C GLN A 63 3.17 -7.16 30.07
N ALA A 64 3.66 -7.19 31.29
CA ALA A 64 3.38 -6.13 32.25
C ALA A 64 3.80 -4.77 31.69
N ALA A 65 5.11 -4.55 31.57
CA ALA A 65 5.64 -3.30 31.06
C ALA A 65 5.32 -3.10 29.58
N MET A 66 5.44 -4.18 28.81
CA MET A 66 5.16 -4.10 27.38
C MET A 66 3.78 -3.50 27.12
N GLN A 67 2.88 -3.63 28.08
CA GLN A 67 1.54 -3.08 27.98
C GLN A 67 1.62 -1.56 28.13
N MET A 68 2.34 -1.11 29.15
CA MET A 68 2.51 0.32 29.40
C MET A 68 3.14 1.00 28.19
N LEU A 69 4.11 0.33 27.58
CA LEU A 69 4.80 0.84 26.40
C LEU A 69 3.87 0.82 25.21
N LYS A 70 3.10 -0.26 25.07
CA LYS A 70 2.17 -0.40 23.97
C LYS A 70 1.09 0.67 24.03
N GLU A 71 0.44 0.82 25.18
CA GLU A 71 -0.62 1.81 25.36
C GLU A 71 -0.13 3.20 24.94
N THR A 72 1.09 3.56 25.35
CA THR A 72 1.67 4.85 25.03
C THR A 72 1.94 5.04 23.55
N ILE A 73 2.47 4.02 22.88
CA ILE A 73 2.74 4.09 21.46
C ILE A 73 1.44 4.42 20.75
N ASN A 74 0.40 3.67 21.09
CA ASN A 74 -0.93 3.86 20.49
C ASN A 74 -1.48 5.25 20.70
N GLU A 75 -1.38 5.76 21.92
CA GLU A 75 -1.87 7.10 22.22
C GLU A 75 -1.09 8.17 21.45
N GLU A 76 0.22 8.02 21.37
CA GLU A 76 1.06 8.99 20.65
C GLU A 76 0.78 8.91 19.16
N ALA A 77 0.60 7.69 18.67
CA ALA A 77 0.30 7.46 17.27
C ALA A 77 -1.02 8.09 16.91
N ALA A 78 -2.00 7.98 17.80
CA ALA A 78 -3.31 8.54 17.56
C ALA A 78 -3.27 10.06 17.61
N GLU A 79 -2.48 10.59 18.54
CA GLU A 79 -2.34 12.04 18.68
C GLU A 79 -1.79 12.59 17.37
N TRP A 80 -0.74 11.95 16.85
CA TRP A 80 -0.14 12.37 15.59
C TRP A 80 -1.24 12.49 14.53
N ASP A 81 -2.15 11.54 14.51
CA ASP A 81 -3.23 11.56 13.55
C ASP A 81 -4.18 12.72 13.79
N ARG A 82 -4.44 13.04 15.05
CA ARG A 82 -5.34 14.14 15.38
C ARG A 82 -4.92 15.40 14.65
N LEU A 83 -3.67 15.81 14.85
CA LEU A 83 -3.13 17.02 14.22
C LEU A 83 -2.61 16.82 12.80
N HIS A 84 -2.97 15.70 12.19
CA HIS A 84 -2.58 15.39 10.82
C HIS A 84 -3.86 14.94 10.15
N PRO A 85 -4.78 15.88 9.94
CA PRO A 85 -6.11 15.70 9.34
C PRO A 85 -6.15 15.08 7.95
N VAL A 86 -4.99 14.76 7.40
CA VAL A 86 -4.89 14.21 6.04
C VAL A 86 -5.63 15.21 5.13
N HIS A 87 -5.64 16.46 5.60
CA HIS A 87 -6.28 17.62 5.00
C HIS A 87 -7.19 17.41 3.79
N ALA A 88 -8.42 16.98 4.07
CA ALA A 88 -9.44 16.68 3.06
C ALA A 88 -9.29 15.30 2.41
N GLY A 89 -8.52 14.43 3.06
CA GLY A 89 -8.30 13.08 2.58
C GLY A 89 -7.27 12.88 1.48
N PRO A 90 -6.57 11.72 1.49
CA PRO A 90 -5.56 11.35 0.50
C PRO A 90 -6.28 10.79 -0.71
N ILE A 91 -7.01 11.67 -1.37
CA ILE A 91 -7.79 11.33 -2.56
C ILE A 91 -7.00 10.63 -3.67
N ALA A 92 -7.53 9.47 -4.09
CA ALA A 92 -6.97 8.61 -5.14
C ALA A 92 -5.72 7.80 -4.78
N PRO A 93 -5.85 6.47 -4.73
CA PRO A 93 -4.77 5.53 -4.40
C PRO A 93 -3.63 5.50 -5.43
N GLY A 94 -2.42 5.82 -4.97
CA GLY A 94 -1.25 5.83 -5.85
C GLY A 94 -0.18 6.78 -5.32
N GLN A 95 -0.60 7.70 -4.45
CA GLN A 95 0.28 8.68 -3.83
C GLN A 95 1.02 8.11 -2.62
N MET A 96 2.28 8.52 -2.46
CA MET A 96 3.12 8.08 -1.35
C MET A 96 2.42 8.25 0.00
N ARG A 97 1.51 9.23 0.07
CA ARG A 97 0.73 9.54 1.26
C ARG A 97 1.51 10.04 2.47
N GLU A 98 0.82 10.80 3.31
CA GLU A 98 1.37 11.35 4.53
C GLU A 98 1.42 10.18 5.52
N PRO A 99 2.56 10.00 6.21
CA PRO A 99 2.69 8.91 7.18
C PRO A 99 1.70 9.02 8.33
N ARG A 100 1.00 7.92 8.60
CA ARG A 100 0.01 7.87 9.68
C ARG A 100 0.67 7.24 10.91
N GLY A 101 0.08 7.47 12.08
CA GLY A 101 0.61 6.94 13.33
C GLY A 101 0.95 5.46 13.27
N SER A 102 0.04 4.65 12.75
CA SER A 102 0.26 3.22 12.63
C SER A 102 1.36 2.94 11.64
N ASP A 103 1.57 3.88 10.71
CA ASP A 103 2.61 3.76 9.71
C ASP A 103 3.94 4.05 10.35
N ILE A 104 4.05 5.17 11.06
CA ILE A 104 5.29 5.54 11.72
C ILE A 104 5.67 4.46 12.73
N ALA A 105 4.65 3.86 13.36
CA ALA A 105 4.85 2.80 14.33
C ALA A 105 5.27 1.48 13.67
N GLY A 106 5.07 1.37 12.36
CA GLY A 106 5.46 0.19 11.63
C GLY A 106 4.38 -0.81 11.28
N THR A 107 3.26 -0.77 11.99
CA THR A 107 2.16 -1.72 11.74
C THR A 107 1.51 -1.64 10.37
N THR A 108 1.39 -0.43 9.82
CA THR A 108 0.78 -0.25 8.51
C THR A 108 1.68 0.39 7.46
N SER A 109 2.98 0.14 7.58
CA SER A 109 3.93 0.67 6.61
C SER A 109 4.89 -0.46 6.25
N THR A 110 5.23 -0.57 4.97
CA THR A 110 6.14 -1.62 4.53
C THR A 110 7.57 -1.09 4.67
N LEU A 111 8.54 -2.00 4.80
CA LEU A 111 9.94 -1.60 4.95
C LEU A 111 10.34 -0.60 3.88
N GLN A 112 9.92 -0.85 2.65
CA GLN A 112 10.23 0.05 1.55
C GLN A 112 9.63 1.42 1.80
N GLU A 113 8.38 1.44 2.26
CA GLU A 113 7.69 2.69 2.53
C GLU A 113 8.48 3.53 3.51
N GLN A 114 8.87 2.92 4.63
CA GLN A 114 9.63 3.61 5.67
C GLN A 114 10.88 4.26 5.08
N ILE A 115 11.52 3.54 4.16
CA ILE A 115 12.72 4.02 3.47
C ILE A 115 12.34 5.26 2.67
N GLY A 116 11.25 5.14 1.92
CA GLY A 116 10.76 6.24 1.11
C GLY A 116 10.59 7.53 1.89
N TRP A 117 10.00 7.45 3.08
CA TRP A 117 9.81 8.64 3.90
C TRP A 117 11.16 9.17 4.35
N MET A 118 12.06 8.24 4.66
CA MET A 118 13.39 8.61 5.13
C MET A 118 14.33 9.06 4.01
N THR A 119 13.81 9.12 2.79
CA THR A 119 14.58 9.56 1.64
C THR A 119 13.64 10.29 0.69
N HIS A 120 13.13 11.45 1.13
CA HIS A 120 12.21 12.23 0.31
C HIS A 120 12.28 13.72 0.60
N ASN A 121 11.78 14.50 -0.34
CA ASN A 121 11.73 15.95 -0.22
C ASN A 121 10.47 16.37 0.50
N PRO A 122 10.54 16.75 1.78
CA PRO A 122 11.30 16.99 3.01
C PRO A 122 11.24 15.64 3.72
N PRO A 123 12.39 15.15 4.16
CA PRO A 123 12.49 13.86 4.84
C PRO A 123 11.64 13.72 6.11
N ILE A 124 10.67 12.80 6.06
CA ILE A 124 9.80 12.52 7.20
C ILE A 124 10.56 11.46 8.00
N PRO A 125 11.13 11.86 9.15
CA PRO A 125 11.88 10.93 10.00
C PRO A 125 11.01 9.94 10.74
N VAL A 126 10.20 9.18 10.02
CA VAL A 126 9.30 8.19 10.63
C VAL A 126 9.93 7.39 11.77
N GLY A 127 11.15 6.92 11.55
CA GLY A 127 11.84 6.14 12.58
C GLY A 127 12.21 6.97 13.79
N GLU A 128 12.70 8.18 13.53
CA GLU A 128 13.12 9.11 14.59
C GLU A 128 11.90 9.53 15.43
N ILE A 129 10.80 9.84 14.75
CA ILE A 129 9.56 10.24 15.43
C ILE A 129 9.11 9.07 16.30
N TYR A 130 9.04 7.89 15.70
CA TYR A 130 8.63 6.69 16.41
C TYR A 130 9.57 6.40 17.57
N LYS A 131 10.86 6.69 17.37
CA LYS A 131 11.87 6.47 18.41
C LYS A 131 11.61 7.38 19.58
N ARG A 132 10.94 8.50 19.33
CA ARG A 132 10.62 9.44 20.40
C ARG A 132 9.45 8.90 21.21
N TRP A 133 8.38 8.46 20.53
CA TRP A 133 7.20 7.89 21.17
C TRP A 133 7.54 6.69 22.08
N ILE A 134 8.37 5.77 21.58
CA ILE A 134 8.79 4.59 22.34
C ILE A 134 9.46 5.04 23.62
N ILE A 135 10.39 5.96 23.50
CA ILE A 135 11.11 6.47 24.68
C ILE A 135 10.13 7.02 25.71
N LEU A 136 9.08 7.71 25.23
CA LEU A 136 8.08 8.24 26.14
C LEU A 136 7.42 7.07 26.86
N GLY A 137 7.30 5.94 26.17
CA GLY A 137 6.72 4.76 26.78
C GLY A 137 7.65 4.16 27.82
N LEU A 138 8.93 4.07 27.46
CA LEU A 138 9.94 3.51 28.35
C LEU A 138 10.09 4.31 29.62
N ASN A 139 10.24 5.63 29.50
CA ASN A 139 10.41 6.46 30.68
C ASN A 139 9.17 6.56 31.57
N LYS A 140 8.01 6.19 31.04
CA LYS A 140 6.77 6.22 31.84
C LYS A 140 6.79 4.95 32.68
N ILE A 141 7.35 3.89 32.10
CA ILE A 141 7.47 2.60 32.78
C ILE A 141 8.44 2.82 33.93
N VAL A 142 9.68 3.15 33.58
CA VAL A 142 10.73 3.38 34.55
C VAL A 142 10.21 4.17 35.75
N ARG A 143 9.53 5.28 35.48
CA ARG A 143 8.99 6.11 36.55
C ARG A 143 8.07 5.30 37.47
N MET A 144 6.98 4.78 36.92
CA MET A 144 6.04 4.01 37.72
C MET A 144 6.38 2.52 37.80
N TYR A 145 7.68 2.21 37.91
CA TYR A 145 8.17 0.83 38.00
C TYR A 145 9.68 0.79 37.69
N SER A 146 10.52 0.81 38.71
CA SER A 146 11.96 0.74 38.49
C SER A 146 12.80 0.43 39.74
N PRO A 147 12.81 1.34 40.73
CA PRO A 147 13.60 1.06 41.93
C PRO A 147 12.80 0.24 42.94
N THR A 148 13.37 0.04 44.13
CA THR A 148 12.70 -0.73 45.18
C THR A 148 12.02 0.20 46.17
N SER A 149 12.80 0.74 47.11
CA SER A 149 12.28 1.64 48.14
C SER A 149 13.44 2.49 48.67
N ILE A 150 13.22 3.14 49.81
CA ILE A 150 14.25 4.00 50.41
C ILE A 150 15.33 3.14 51.09
N LEU A 151 16.15 2.51 50.27
CA LEU A 151 17.24 1.66 50.73
C LEU A 151 18.55 2.43 50.71
N PRO B 1 2.81 -15.34 15.51
CA PRO B 1 2.55 -16.34 14.48
C PRO B 1 1.06 -16.44 14.20
N ILE B 2 0.68 -17.42 13.38
CA ILE B 2 -0.72 -17.67 13.02
C ILE B 2 -0.90 -19.00 12.28
N VAL B 3 -0.05 -19.28 11.29
CA VAL B 3 -0.15 -20.52 10.52
C VAL B 3 0.52 -21.72 11.25
N GLN B 4 0.29 -21.84 12.56
CA GLN B 4 0.90 -22.94 13.31
C GLN B 4 0.29 -24.25 12.85
N ASN B 5 -0.88 -24.57 13.37
CA ASN B 5 -1.56 -25.80 12.98
C ASN B 5 -2.85 -25.39 12.29
N LEU B 6 -2.86 -24.18 11.75
CA LEU B 6 -4.00 -23.60 11.06
C LEU B 6 -5.25 -23.49 11.93
N GLN B 7 -5.17 -24.00 13.16
CA GLN B 7 -6.28 -23.94 14.10
C GLN B 7 -6.31 -22.55 14.75
N GLY B 8 -6.17 -21.55 13.89
CA GLY B 8 -6.18 -20.16 14.30
C GLY B 8 -6.70 -19.41 13.09
N GLN B 9 -7.76 -18.65 13.29
CA GLN B 9 -8.36 -17.87 12.20
C GLN B 9 -7.62 -16.52 12.18
N MET B 10 -8.35 -15.40 12.14
CA MET B 10 -7.72 -14.07 12.12
C MET B 10 -6.78 -13.85 13.32
N VAL B 11 -6.72 -14.87 14.18
CA VAL B 11 -5.91 -14.89 15.38
C VAL B 11 -4.44 -14.70 14.99
N HIS B 12 -3.69 -14.03 15.85
CA HIS B 12 -2.27 -13.79 15.61
C HIS B 12 -1.62 -13.33 16.91
N GLN B 13 -0.33 -13.61 17.04
CA GLN B 13 0.45 -13.22 18.22
C GLN B 13 1.86 -12.84 17.75
N ALA B 14 2.49 -11.89 18.42
CA ALA B 14 3.85 -11.49 18.05
C ALA B 14 4.79 -12.58 18.55
N ILE B 15 5.87 -12.83 17.82
CA ILE B 15 6.80 -13.88 18.21
C ILE B 15 7.31 -13.65 19.63
N SER B 16 7.00 -14.60 20.49
CA SER B 16 7.41 -14.53 21.88
C SER B 16 8.91 -14.28 21.94
N PRO B 17 9.33 -13.27 22.71
CA PRO B 17 10.74 -12.92 22.86
C PRO B 17 11.54 -14.14 23.30
N ARG B 18 10.86 -15.08 23.96
CA ARG B 18 11.51 -16.31 24.40
C ARG B 18 12.05 -17.02 23.15
N THR B 19 11.15 -17.20 22.18
CA THR B 19 11.46 -17.84 20.91
C THR B 19 12.49 -17.03 20.11
N LEU B 20 12.28 -15.72 20.05
CA LEU B 20 13.19 -14.86 19.30
C LEU B 20 14.59 -14.93 19.88
N ASN B 21 14.69 -14.69 21.18
CA ASN B 21 15.97 -14.73 21.88
C ASN B 21 16.62 -16.09 21.67
N ALA B 22 15.78 -17.13 21.61
CA ALA B 22 16.26 -18.49 21.41
C ALA B 22 16.97 -18.62 20.06
N TRP B 23 16.42 -17.97 19.04
CA TRP B 23 17.02 -18.01 17.71
C TRP B 23 18.43 -17.43 17.78
N VAL B 24 18.55 -16.30 18.47
CA VAL B 24 19.83 -15.64 18.61
C VAL B 24 20.84 -16.62 19.21
N LYS B 25 20.60 -17.04 20.45
CA LYS B 25 21.49 -17.98 21.12
C LYS B 25 21.84 -19.20 20.24
N VAL B 26 20.84 -19.74 19.55
CA VAL B 26 21.02 -20.91 18.68
C VAL B 26 22.13 -20.71 17.66
N VAL B 27 22.03 -19.63 16.89
CA VAL B 27 23.03 -19.32 15.89
C VAL B 27 24.31 -18.85 16.59
N GLU B 28 24.14 -18.32 17.79
CA GLU B 28 25.24 -17.82 18.60
C GLU B 28 26.12 -18.97 19.08
N GLU B 29 25.48 -20.06 19.50
CA GLU B 29 26.21 -21.22 20.00
C GLU B 29 26.57 -22.23 18.93
N LYS B 30 25.77 -22.29 17.86
CA LYS B 30 26.04 -23.27 16.81
C LYS B 30 26.41 -22.71 15.45
N ALA B 31 26.26 -21.41 15.28
CA ALA B 31 26.59 -20.76 14.02
C ALA B 31 25.76 -21.38 12.90
N PHE B 32 26.31 -21.38 11.69
CA PHE B 32 25.62 -21.95 10.53
C PHE B 32 25.90 -23.42 10.30
N SER B 33 26.05 -24.19 11.38
CA SER B 33 26.27 -25.61 11.25
C SER B 33 24.94 -26.15 10.75
N PRO B 34 24.92 -27.35 10.14
CA PRO B 34 23.68 -27.93 9.61
C PRO B 34 22.45 -27.90 10.55
N GLU B 35 22.70 -27.74 11.85
CA GLU B 35 21.60 -27.72 12.80
C GLU B 35 20.92 -26.36 12.91
N VAL B 36 21.40 -25.36 12.17
CA VAL B 36 20.80 -24.03 12.23
C VAL B 36 19.44 -24.02 11.53
N ILE B 37 19.30 -24.87 10.52
CA ILE B 37 18.06 -24.98 9.76
C ILE B 37 16.90 -25.56 10.57
N PRO B 38 17.07 -26.76 11.18
CA PRO B 38 16.00 -27.36 11.97
C PRO B 38 15.48 -26.44 13.08
N MET B 39 16.41 -25.89 13.87
CA MET B 39 16.03 -24.99 14.95
C MET B 39 15.32 -23.77 14.42
N PHE B 40 15.71 -23.32 13.24
CA PHE B 40 15.08 -22.15 12.63
C PHE B 40 13.59 -22.44 12.44
N SER B 41 13.29 -23.52 11.73
CA SER B 41 11.90 -23.90 11.46
C SER B 41 11.10 -24.08 12.75
N ALA B 42 11.71 -24.65 13.77
CA ALA B 42 11.05 -24.88 15.04
C ALA B 42 10.63 -23.56 15.68
N LEU B 43 11.53 -22.58 15.66
CA LEU B 43 11.23 -21.27 16.22
C LEU B 43 10.52 -20.40 15.18
N SER B 44 9.93 -21.05 14.18
CA SER B 44 9.23 -20.35 13.11
C SER B 44 7.83 -20.92 12.88
N GLU B 45 7.26 -21.52 13.93
CA GLU B 45 5.93 -22.12 13.87
C GLU B 45 4.85 -21.31 13.12
N GLY B 46 4.76 -21.52 11.81
CA GLY B 46 3.78 -20.81 10.99
C GLY B 46 3.63 -19.34 11.31
N ALA B 47 4.75 -18.62 11.38
CA ALA B 47 4.74 -17.20 11.69
C ALA B 47 4.52 -16.35 10.45
N THR B 48 4.37 -15.04 10.67
CA THR B 48 4.15 -14.10 9.57
C THR B 48 5.48 -13.70 8.95
N PRO B 49 5.47 -13.32 7.65
CA PRO B 49 6.69 -12.92 6.96
C PRO B 49 7.52 -11.93 7.76
N GLN B 50 6.88 -10.99 8.45
CA GLN B 50 7.62 -10.02 9.25
C GLN B 50 8.36 -10.69 10.39
N ASP B 51 7.68 -11.55 11.15
CA ASP B 51 8.29 -12.25 12.26
C ASP B 51 9.54 -12.98 11.78
N LEU B 52 9.42 -13.58 10.59
CA LEU B 52 10.55 -14.29 10.00
C LEU B 52 11.69 -13.30 9.70
N ASN B 53 11.35 -12.18 9.04
CA ASN B 53 12.33 -11.15 8.71
C ASN B 53 13.02 -10.64 9.97
N THR B 54 12.25 -10.57 11.05
CA THR B 54 12.76 -10.14 12.35
C THR B 54 13.86 -11.12 12.77
N MET B 55 13.52 -12.40 12.78
CA MET B 55 14.45 -13.45 13.15
C MET B 55 15.76 -13.36 12.37
N LEU B 56 15.66 -13.42 11.04
CA LEU B 56 16.83 -13.33 10.16
C LEU B 56 17.65 -12.09 10.51
N ASN B 57 16.95 -10.96 10.59
CA ASN B 57 17.56 -9.67 10.91
C ASN B 57 18.27 -9.73 12.25
N THR B 58 17.66 -10.45 13.20
CA THR B 58 18.21 -10.59 14.53
C THR B 58 19.61 -11.23 14.52
N VAL B 59 19.76 -12.29 13.74
CA VAL B 59 21.05 -12.93 13.70
C VAL B 59 21.77 -12.81 12.35
N GLY B 60 21.62 -11.66 11.69
CA GLY B 60 22.30 -11.45 10.42
C GLY B 60 23.76 -11.07 10.66
N GLY B 61 24.44 -11.86 11.48
CA GLY B 61 25.82 -11.63 11.88
C GLY B 61 26.87 -11.11 10.91
N HIS B 62 26.94 -11.66 9.71
CA HIS B 62 27.95 -11.24 8.73
C HIS B 62 27.46 -11.19 7.30
N GLN B 63 27.62 -10.01 6.68
CA GLN B 63 27.20 -9.77 5.30
C GLN B 63 27.59 -10.87 4.32
N ALA B 64 28.59 -11.66 4.67
CA ALA B 64 29.02 -12.75 3.81
C ALA B 64 27.85 -13.69 3.52
N ALA B 65 27.43 -14.46 4.52
CA ALA B 65 26.33 -15.40 4.36
C ALA B 65 25.01 -14.70 4.07
N MET B 66 24.77 -13.60 4.76
CA MET B 66 23.53 -12.84 4.58
C MET B 66 23.33 -12.47 3.12
N GLN B 67 24.41 -12.45 2.35
CA GLN B 67 24.34 -12.14 0.93
C GLN B 67 23.79 -13.35 0.20
N MET B 68 24.33 -14.52 0.48
CA MET B 68 23.89 -15.76 -0.14
C MET B 68 22.41 -16.00 0.12
N LEU B 69 21.99 -15.73 1.35
CA LEU B 69 20.61 -15.90 1.74
C LEU B 69 19.77 -14.86 1.03
N LYS B 70 20.26 -13.63 0.96
CA LYS B 70 19.55 -12.55 0.30
C LYS B 70 19.32 -12.84 -1.19
N GLU B 71 20.41 -13.10 -1.92
CA GLU B 71 20.33 -13.42 -3.35
C GLU B 71 19.29 -14.50 -3.62
N THR B 72 19.27 -15.53 -2.79
CA THR B 72 18.33 -16.63 -2.94
C THR B 72 16.87 -16.22 -2.72
N ILE B 73 16.62 -15.40 -1.70
CA ILE B 73 15.27 -14.94 -1.42
C ILE B 73 14.76 -14.21 -2.65
N ASN B 74 15.57 -13.30 -3.17
CA ASN B 74 15.23 -12.52 -4.36
C ASN B 74 14.93 -13.38 -5.55
N GLU B 75 15.80 -14.34 -5.83
CA GLU B 75 15.60 -15.24 -6.96
C GLU B 75 14.30 -16.04 -6.83
N GLU B 76 14.02 -16.51 -5.62
CA GLU B 76 12.80 -17.29 -5.37
C GLU B 76 11.57 -16.41 -5.45
N ALA B 77 11.70 -15.19 -4.97
CA ALA B 77 10.61 -14.23 -4.99
C ALA B 77 10.27 -13.88 -6.43
N ALA B 78 11.30 -13.76 -7.27
CA ALA B 78 11.12 -13.43 -8.68
C ALA B 78 10.53 -14.60 -9.46
N GLU B 79 10.96 -15.81 -9.12
CA GLU B 79 10.43 -17.01 -9.78
C GLU B 79 8.93 -17.08 -9.54
N TRP B 80 8.54 -16.86 -8.29
CA TRP B 80 7.13 -16.87 -7.91
C TRP B 80 6.39 -15.95 -8.88
N ASP B 81 6.91 -14.76 -9.08
CA ASP B 81 6.27 -13.79 -9.97
C ASP B 81 6.16 -14.33 -11.39
N ARG B 82 7.21 -15.01 -11.85
CA ARG B 82 7.21 -15.54 -13.20
C ARG B 82 5.96 -16.34 -13.47
N LEU B 83 5.70 -17.34 -12.63
CA LEU B 83 4.52 -18.18 -12.78
C LEU B 83 3.25 -17.63 -12.15
N HIS B 84 3.28 -16.35 -11.82
CA HIS B 84 2.13 -15.66 -11.24
C HIS B 84 1.97 -14.38 -12.05
N PRO B 85 1.58 -14.52 -13.32
CA PRO B 85 1.38 -13.44 -14.30
C PRO B 85 0.43 -12.34 -13.91
N VAL B 86 -0.17 -12.44 -12.73
CA VAL B 86 -1.15 -11.46 -12.27
C VAL B 86 -2.22 -11.39 -13.38
N HIS B 87 -2.32 -12.52 -14.09
CA HIS B 87 -3.22 -12.76 -15.23
C HIS B 87 -4.01 -11.57 -15.76
N ALA B 88 -3.36 -10.81 -16.63
CA ALA B 88 -3.93 -9.62 -17.27
C ALA B 88 -3.93 -8.37 -16.37
N GLY B 89 -3.17 -8.44 -15.28
CA GLY B 89 -3.05 -7.32 -14.37
C GLY B 89 -4.14 -7.14 -13.32
N PRO B 90 -3.76 -6.69 -12.10
CA PRO B 90 -4.66 -6.45 -10.97
C PRO B 90 -5.34 -5.10 -11.23
N ILE B 91 -6.20 -5.11 -12.23
CA ILE B 91 -6.93 -3.92 -12.65
C ILE B 91 -7.76 -3.28 -11.54
N ALA B 92 -7.60 -1.97 -11.38
CA ALA B 92 -8.29 -1.15 -10.38
C ALA B 92 -7.86 -1.33 -8.92
N PRO B 93 -7.18 -0.32 -8.36
CA PRO B 93 -6.69 -0.32 -6.97
C PRO B 93 -7.80 -0.36 -5.90
N GLY B 94 -7.78 -1.40 -5.08
CA GLY B 94 -8.77 -1.55 -4.03
C GLY B 94 -8.89 -3.02 -3.65
N GLN B 95 -8.44 -3.88 -4.56
CA GLN B 95 -8.48 -5.32 -4.35
C GLN B 95 -7.34 -5.81 -3.46
N MET B 96 -7.61 -6.85 -2.69
CA MET B 96 -6.61 -7.44 -1.80
C MET B 96 -5.35 -7.79 -2.57
N ARG B 97 -5.55 -8.20 -3.83
CA ARG B 97 -4.46 -8.59 -4.76
C ARG B 97 -3.77 -9.91 -4.44
N GLU B 98 -3.23 -10.51 -5.50
CA GLU B 98 -2.50 -11.77 -5.41
C GLU B 98 -1.14 -11.41 -4.82
N PRO B 99 -0.69 -12.13 -3.79
CA PRO B 99 0.61 -11.84 -3.16
C PRO B 99 1.78 -11.94 -4.14
N ARG B 100 2.63 -10.92 -4.15
CA ARG B 100 3.80 -10.89 -5.02
C ARG B 100 5.01 -11.32 -4.21
N GLY B 101 6.06 -11.76 -4.89
CA GLY B 101 7.28 -12.21 -4.22
C GLY B 101 7.78 -11.27 -3.15
N SER B 102 7.90 -9.99 -3.48
CA SER B 102 8.37 -8.99 -2.53
C SER B 102 7.38 -8.88 -1.38
N ASP B 103 6.12 -9.23 -1.65
CA ASP B 103 5.08 -9.18 -0.64
C ASP B 103 5.28 -10.35 0.30
N ILE B 104 5.38 -11.55 -0.25
CA ILE B 104 5.55 -12.76 0.56
C ILE B 104 6.82 -12.64 1.40
N ALA B 105 7.81 -11.95 0.85
CA ALA B 105 9.09 -11.74 1.52
C ALA B 105 8.99 -10.68 2.61
N GLY B 106 7.92 -9.88 2.58
CA GLY B 106 7.72 -8.86 3.59
C GLY B 106 8.08 -7.43 3.24
N THR B 107 8.86 -7.24 2.18
CA THR B 107 9.27 -5.91 1.78
C THR B 107 8.14 -5.00 1.29
N THR B 108 7.20 -5.55 0.54
CA THR B 108 6.08 -4.77 0.03
C THR B 108 4.71 -5.18 0.53
N SER B 109 4.68 -5.77 1.72
CA SER B 109 3.42 -6.19 2.33
C SER B 109 3.35 -5.68 3.76
N THR B 110 2.20 -5.15 4.16
CA THR B 110 2.03 -4.62 5.51
C THR B 110 1.66 -5.77 6.43
N LEU B 111 1.99 -5.65 7.72
CA LEU B 111 1.67 -6.70 8.69
C LEU B 111 0.21 -7.13 8.59
N GLN B 112 -0.68 -6.16 8.42
CA GLN B 112 -2.09 -6.46 8.30
C GLN B 112 -2.34 -7.28 7.04
N GLU B 113 -1.70 -6.88 5.94
CA GLU B 113 -1.84 -7.59 4.66
C GLU B 113 -1.50 -9.07 4.81
N GLN B 114 -0.34 -9.34 5.39
CA GLN B 114 0.14 -10.70 5.61
C GLN B 114 -0.93 -11.50 6.36
N ILE B 115 -1.53 -10.88 7.36
CA ILE B 115 -2.58 -11.50 8.15
C ILE B 115 -3.75 -11.86 7.23
N GLY B 116 -4.14 -10.90 6.39
CA GLY B 116 -5.23 -11.11 5.46
C GLY B 116 -5.05 -12.34 4.59
N TRP B 117 -3.85 -12.54 4.05
CA TRP B 117 -3.59 -13.69 3.19
C TRP B 117 -3.67 -14.97 4.00
N MET B 118 -3.20 -14.90 5.24
CA MET B 118 -3.23 -16.06 6.11
C MET B 118 -4.61 -16.35 6.72
N THR B 119 -5.60 -15.54 6.37
CA THR B 119 -6.97 -15.69 6.87
C THR B 119 -7.96 -15.32 5.74
N HIS B 120 -8.00 -16.13 4.70
CA HIS B 120 -8.88 -15.80 3.58
C HIS B 120 -9.29 -17.05 2.78
N ASN B 121 -10.36 -16.92 1.98
CA ASN B 121 -10.85 -18.00 1.10
C ASN B 121 -9.51 -18.30 0.44
N PRO B 122 -9.16 -19.61 0.33
CA PRO B 122 -7.95 -20.24 -0.18
C PRO B 122 -6.83 -19.47 0.52
N PRO B 123 -6.54 -19.88 1.78
CA PRO B 123 -5.49 -19.25 2.58
C PRO B 123 -4.13 -19.31 1.91
N ILE B 124 -3.60 -18.14 1.57
CA ILE B 124 -2.30 -18.03 0.94
C ILE B 124 -1.31 -18.00 2.10
N PRO B 125 -0.56 -19.10 2.30
CA PRO B 125 0.42 -19.19 3.38
C PRO B 125 1.69 -18.38 3.12
N VAL B 126 1.53 -17.09 2.86
CA VAL B 126 2.66 -16.20 2.59
C VAL B 126 3.87 -16.47 3.49
N GLY B 127 3.63 -16.61 4.79
CA GLY B 127 4.70 -16.86 5.73
C GLY B 127 5.34 -18.23 5.52
N GLU B 128 4.50 -19.23 5.29
CA GLU B 128 4.95 -20.60 5.07
C GLU B 128 5.78 -20.69 3.79
N ILE B 129 5.29 -20.06 2.73
CA ILE B 129 5.99 -20.05 1.45
C ILE B 129 7.33 -19.36 1.63
N TYR B 130 7.31 -18.18 2.24
CA TYR B 130 8.53 -17.42 2.48
C TYR B 130 9.48 -18.24 3.33
N LYS B 131 8.93 -18.96 4.31
CA LYS B 131 9.72 -19.80 5.21
C LYS B 131 10.43 -20.90 4.44
N ARG B 132 9.89 -21.26 3.29
CA ARG B 132 10.48 -22.28 2.45
C ARG B 132 11.67 -21.68 1.71
N TRP B 133 11.45 -20.51 1.09
CA TRP B 133 12.51 -19.81 0.35
C TRP B 133 13.75 -19.52 1.22
N ILE B 134 13.53 -19.02 2.43
CA ILE B 134 14.61 -18.72 3.37
C ILE B 134 15.44 -19.96 3.61
N ILE B 135 14.76 -21.07 3.87
CA ILE B 135 15.44 -22.35 4.14
C ILE B 135 16.32 -22.76 2.95
N LEU B 136 15.83 -22.52 1.74
CA LEU B 136 16.62 -22.84 0.56
C LEU B 136 17.86 -21.98 0.60
N GLY B 137 17.74 -20.77 1.15
CA GLY B 137 18.88 -19.87 1.26
C GLY B 137 19.84 -20.36 2.32
N LEU B 138 19.31 -20.76 3.46
CA LEU B 138 20.13 -21.27 4.55
C LEU B 138 20.88 -22.54 4.20
N ASN B 139 20.21 -23.50 3.59
CA ASN B 139 20.88 -24.75 3.23
C ASN B 139 21.88 -24.63 2.08
N LYS B 140 21.77 -23.57 1.28
CA LYS B 140 22.74 -23.35 0.19
C LYS B 140 24.02 -22.80 0.82
N ILE B 141 23.83 -22.02 1.88
CA ILE B 141 24.95 -21.45 2.62
C ILE B 141 25.66 -22.62 3.25
N VAL B 142 24.95 -23.32 4.14
CA VAL B 142 25.49 -24.46 4.86
C VAL B 142 26.28 -25.37 3.95
N ARG B 143 25.72 -25.69 2.79
CA ARG B 143 26.42 -26.55 1.84
C ARG B 143 27.77 -25.93 1.43
N MET B 144 27.72 -24.73 0.85
CA MET B 144 28.95 -24.07 0.41
C MET B 144 29.62 -23.21 1.47
N TYR B 145 29.59 -23.66 2.73
CA TYR B 145 30.18 -22.94 3.86
C TYR B 145 29.60 -23.48 5.17
N SER B 146 30.34 -24.38 5.83
CA SER B 146 29.87 -24.95 7.10
C SER B 146 30.92 -25.69 7.91
N PRO B 147 31.43 -26.83 7.40
CA PRO B 147 32.45 -27.55 8.17
C PRO B 147 33.85 -27.03 7.84
N THR B 148 34.87 -27.72 8.34
CA THR B 148 36.25 -27.33 8.08
C THR B 148 36.85 -28.15 6.92
N SER B 149 37.31 -29.36 7.23
CA SER B 149 37.91 -30.24 6.22
C SER B 149 37.81 -31.68 6.71
N ILE B 150 38.62 -32.56 6.13
CA ILE B 150 38.61 -33.97 6.53
C ILE B 150 39.36 -34.16 7.84
N LEU B 151 38.70 -33.81 8.95
CA LEU B 151 39.31 -33.94 10.26
C LEU B 151 38.77 -35.19 10.95
N ASP C 1 -15.86 18.93 9.16
CA ASP C 1 -15.72 18.59 10.60
C ASP C 1 -16.24 17.18 10.80
N ILE C 2 -16.56 16.83 12.04
CA ILE C 2 -17.06 15.51 12.39
C ILE C 2 -18.09 15.72 13.52
N VAL C 3 -19.31 16.00 13.09
CA VAL C 3 -20.44 16.30 13.96
C VAL C 3 -20.76 15.32 15.09
N LEU C 4 -21.19 15.87 16.22
CA LEU C 4 -21.56 15.12 17.41
C LEU C 4 -22.98 15.52 17.83
N THR C 5 -23.91 14.57 17.79
CA THR C 5 -25.29 14.82 18.16
C THR C 5 -25.59 14.37 19.60
N GLN C 6 -25.89 15.32 20.49
CA GLN C 6 -26.20 14.96 21.87
C GLN C 6 -27.69 14.78 22.04
N SER C 7 -28.05 13.63 22.60
CA SER C 7 -29.42 13.23 22.80
C SER C 7 -30.42 14.22 23.37
N PRO C 8 -30.57 14.33 24.70
CA PRO C 8 -31.59 15.32 25.04
C PRO C 8 -31.05 16.71 25.36
N ALA C 9 -31.88 17.70 25.09
CA ALA C 9 -31.53 19.10 25.34
C ALA C 9 -31.44 19.28 26.84
N SER C 10 -32.36 18.63 27.54
CA SER C 10 -32.43 18.69 28.99
C SER C 10 -32.89 17.38 29.56
N LEU C 11 -32.53 17.12 30.81
CA LEU C 11 -32.87 15.88 31.46
C LEU C 11 -32.98 16.14 32.96
N ALA C 12 -34.10 15.78 33.55
CA ALA C 12 -34.30 15.98 34.98
C ALA C 12 -34.06 14.68 35.73
N VAL C 13 -32.94 14.59 36.44
CA VAL C 13 -32.64 13.37 37.18
C VAL C 13 -32.88 13.53 38.68
N SER C 14 -33.81 12.75 39.21
CA SER C 14 -34.10 12.83 40.63
C SER C 14 -32.86 12.45 41.39
N LEU C 15 -32.72 13.00 42.58
CA LEU C 15 -31.58 12.74 43.44
C LEU C 15 -31.41 11.24 43.62
N GLY C 16 -30.19 10.80 43.85
CA GLY C 16 -29.93 9.38 44.06
C GLY C 16 -30.06 8.51 42.83
N GLN C 17 -30.73 9.01 41.78
CA GLN C 17 -30.94 8.23 40.56
C GLN C 17 -29.83 8.37 39.53
N ARG C 18 -30.01 7.73 38.38
CA ARG C 18 -29.00 7.75 37.32
C ARG C 18 -29.32 8.62 36.09
N ALA C 19 -28.41 9.55 35.80
CA ALA C 19 -28.54 10.45 34.65
C ALA C 19 -27.82 9.83 33.47
N THR C 20 -28.50 9.73 32.34
CA THR C 20 -27.86 9.17 31.16
C THR C 20 -28.06 10.09 29.98
N ILE C 21 -26.95 10.57 29.45
CA ILE C 21 -26.92 11.44 28.29
C ILE C 21 -26.08 10.72 27.26
N SER C 22 -26.38 10.89 25.99
CA SER C 22 -25.59 10.24 24.95
C SER C 22 -25.09 11.20 23.88
N CYS C 23 -23.97 10.84 23.27
CA CYS C 23 -23.32 11.64 22.24
C CYS C 23 -23.08 10.72 21.05
N ARG C 24 -23.59 11.10 19.89
CA ARG C 24 -23.41 10.28 18.69
C ARG C 24 -22.68 11.04 17.57
N ALA C 25 -21.50 10.54 17.24
CA ALA C 25 -20.66 11.14 16.22
C ALA C 25 -21.03 10.66 14.82
N SER C 26 -20.86 11.55 13.84
CA SER C 26 -21.13 11.21 12.44
C SER C 26 -20.11 10.15 11.99
N GLU C 27 -19.01 10.03 12.72
CA GLU C 27 -17.98 9.06 12.41
C GLU C 27 -17.45 8.35 13.64
N SER C 28 -16.68 7.29 13.42
CA SER C 28 -16.13 6.54 14.52
C SER C 28 -14.91 7.28 15.04
N VAL C 29 -14.98 7.70 16.29
CA VAL C 29 -13.89 8.43 16.93
C VAL C 29 -12.90 7.44 17.52
N ASP C 30 -12.60 6.39 16.76
CA ASP C 30 -11.67 5.35 17.20
C ASP C 30 -10.33 5.45 16.51
N ASN C 31 -9.30 4.93 17.17
CA ASN C 31 -7.97 4.92 16.62
C ASN C 31 -7.03 4.19 17.54
N TYR C 32 -6.31 3.23 16.97
CA TYR C 32 -5.35 2.41 17.72
C TYR C 32 -5.93 1.84 18.99
N GLY C 33 -7.16 1.35 18.86
CA GLY C 33 -7.88 0.74 19.96
C GLY C 33 -8.24 1.74 21.05
N ILE C 34 -8.63 2.94 20.63
CA ILE C 34 -8.98 3.99 21.57
C ILE C 34 -10.11 4.84 21.04
N SER C 35 -11.17 4.97 21.84
CA SER C 35 -12.31 5.78 21.48
C SER C 35 -12.08 7.17 22.07
N PHE C 36 -11.71 8.09 21.19
CA PHE C 36 -11.44 9.44 21.58
C PHE C 36 -12.68 10.30 21.63
N MET C 37 -13.50 10.05 22.65
CA MET C 37 -14.72 10.83 22.88
C MET C 37 -14.61 11.32 24.32
N ASN C 38 -14.56 12.63 24.52
CA ASN C 38 -14.43 13.17 25.87
C ASN C 38 -15.72 13.80 26.37
N TRP C 39 -15.94 13.76 27.69
CA TRP C 39 -17.13 14.36 28.32
C TRP C 39 -16.75 15.45 29.32
N PHE C 40 -17.36 16.62 29.18
CA PHE C 40 -17.11 17.77 30.06
C PHE C 40 -18.40 18.26 30.73
N GLN C 41 -18.25 18.94 31.87
CA GLN C 41 -19.38 19.49 32.60
C GLN C 41 -19.13 20.99 32.72
N GLN C 42 -20.19 21.78 32.89
CA GLN C 42 -20.00 23.22 33.01
C GLN C 42 -21.06 23.94 33.87
N LYS C 43 -20.60 24.56 34.95
CA LYS C 43 -21.49 25.31 35.84
C LYS C 43 -21.55 26.72 35.28
N PRO C 44 -22.74 27.33 35.28
CA PRO C 44 -22.90 28.69 34.75
C PRO C 44 -21.88 29.68 35.30
N GLY C 45 -21.20 30.36 34.38
CA GLY C 45 -20.20 31.35 34.74
C GLY C 45 -18.75 30.91 34.69
N GLN C 46 -18.52 29.61 34.78
CA GLN C 46 -17.16 29.12 34.75
C GLN C 46 -16.86 28.31 33.48
N PRO C 47 -15.59 28.03 33.23
CA PRO C 47 -15.17 27.26 32.06
C PRO C 47 -15.48 25.79 32.26
N PRO C 48 -15.45 24.99 31.18
CA PRO C 48 -15.73 23.55 31.22
C PRO C 48 -14.86 22.77 32.23
N LYS C 49 -15.25 21.51 32.48
CA LYS C 49 -14.54 20.63 33.40
C LYS C 49 -14.54 19.23 32.82
N LEU C 50 -13.36 18.66 32.60
CA LEU C 50 -13.25 17.30 32.05
C LEU C 50 -13.70 16.31 33.09
N LEU C 51 -14.60 15.43 32.67
CA LEU C 51 -15.12 14.41 33.55
C LEU C 51 -14.49 13.09 33.13
N ILE C 52 -14.69 12.74 31.86
CA ILE C 52 -14.20 11.49 31.28
C ILE C 52 -13.42 11.71 30.00
N TYR C 53 -12.25 11.08 29.90
CA TYR C 53 -11.41 11.15 28.70
C TYR C 53 -11.27 9.71 28.15
N ALA C 54 -11.09 9.60 26.84
CA ALA C 54 -10.96 8.30 26.18
C ALA C 54 -12.23 7.48 26.26
N ALA C 55 -13.37 8.16 26.24
CA ALA C 55 -14.71 7.56 26.29
C ALA C 55 -15.16 6.94 27.62
N SER C 56 -14.22 6.39 28.39
CA SER C 56 -14.55 5.77 29.65
C SER C 56 -13.56 6.02 30.76
N ASN C 57 -12.45 6.68 30.46
CA ASN C 57 -11.46 6.95 31.50
C ASN C 57 -11.80 8.20 32.32
N LEU C 58 -12.08 7.99 33.60
CA LEU C 58 -12.44 9.06 34.51
C LEU C 58 -11.21 9.94 34.66
N GLY C 59 -11.41 11.24 34.73
CA GLY C 59 -10.28 12.15 34.88
C GLY C 59 -9.86 12.27 36.33
N SER C 60 -8.77 12.99 36.56
CA SER C 60 -8.26 13.17 37.92
C SER C 60 -9.10 14.17 38.75
N GLY C 61 -9.57 13.69 39.90
CA GLY C 61 -10.37 14.51 40.77
C GLY C 61 -11.81 14.60 40.30
N VAL C 62 -12.27 13.55 39.65
CA VAL C 62 -13.64 13.51 39.19
C VAL C 62 -14.21 12.36 40.01
N PRO C 63 -15.31 12.61 40.75
CA PRO C 63 -15.90 11.56 41.57
C PRO C 63 -16.28 10.34 40.75
N ALA C 64 -16.09 9.16 41.33
CA ALA C 64 -16.41 7.91 40.65
C ALA C 64 -17.86 7.87 40.17
N ARG C 65 -18.69 8.73 40.75
CA ARG C 65 -20.11 8.83 40.42
C ARG C 65 -20.37 9.06 38.94
N PHE C 66 -19.40 9.69 38.27
CA PHE C 66 -19.48 9.95 36.84
C PHE C 66 -18.81 8.80 36.12
N SER C 67 -19.51 8.23 35.14
CA SER C 67 -18.96 7.10 34.41
C SER C 67 -19.11 7.33 32.92
N GLY C 68 -18.20 6.73 32.14
CA GLY C 68 -18.27 6.89 30.70
C GLY C 68 -18.37 5.55 30.01
N SER C 69 -18.96 5.55 28.83
CA SER C 69 -19.14 4.34 28.05
C SER C 69 -19.39 4.66 26.58
N GLY C 70 -18.94 3.78 25.70
CA GLY C 70 -19.11 4.00 24.29
C GLY C 70 -17.96 3.45 23.46
N SER C 71 -18.13 3.51 22.15
CA SER C 71 -17.14 3.01 21.20
C SER C 71 -17.53 3.49 19.80
N GLY C 72 -16.54 3.95 19.05
CA GLY C 72 -16.82 4.40 17.70
C GLY C 72 -17.80 5.53 17.50
N THR C 73 -19.07 5.20 17.37
CA THR C 73 -20.08 6.21 17.10
C THR C 73 -21.06 6.56 18.22
N ASP C 74 -21.35 5.62 19.12
CA ASP C 74 -22.27 5.90 20.21
C ASP C 74 -21.58 5.88 21.55
N PHE C 75 -21.78 6.96 22.31
CA PHE C 75 -21.18 7.12 23.63
C PHE C 75 -22.19 7.65 24.62
N SER C 76 -21.90 7.45 25.90
CA SER C 76 -22.81 7.90 26.93
C SER C 76 -22.14 8.25 28.26
N LEU C 77 -22.53 9.39 28.82
CA LEU C 77 -22.03 9.86 30.11
C LEU C 77 -23.15 9.53 31.06
N ASN C 78 -22.83 8.67 32.03
CA ASN C 78 -23.75 8.17 33.00
C ASN C 78 -23.42 8.71 34.39
N ILE C 79 -24.38 9.37 35.01
CA ILE C 79 -24.18 9.90 36.35
C ILE C 79 -25.03 9.06 37.30
N HIS C 80 -24.45 8.57 38.38
CA HIS C 80 -25.17 7.79 39.39
C HIS C 80 -24.27 7.47 40.54
N PRO C 81 -24.66 7.82 41.78
CA PRO C 81 -25.89 8.50 42.17
C PRO C 81 -25.89 10.01 41.94
N MET C 82 -26.98 10.48 41.34
CA MET C 82 -27.17 11.89 41.04
C MET C 82 -27.27 12.69 42.32
N GLU C 83 -26.37 13.65 42.52
CA GLU C 83 -26.42 14.49 43.71
C GLU C 83 -26.67 15.93 43.28
N GLU C 84 -27.30 16.70 44.18
CA GLU C 84 -27.67 18.10 43.93
C GLU C 84 -26.73 19.02 43.14
N GLU C 85 -25.49 19.12 43.59
CA GLU C 85 -24.53 20.00 42.93
C GLU C 85 -24.37 19.72 41.45
N ASP C 86 -24.81 18.54 41.00
CA ASP C 86 -24.69 18.15 39.61
C ASP C 86 -25.51 18.89 38.57
N THR C 87 -26.17 19.97 38.98
CA THR C 87 -26.92 20.74 38.02
C THR C 87 -25.76 21.40 37.27
N ALA C 88 -25.67 21.13 35.98
CA ALA C 88 -24.63 21.70 35.13
C ALA C 88 -25.00 21.45 33.66
N MET C 89 -24.18 21.98 32.75
CA MET C 89 -24.41 21.74 31.34
C MET C 89 -23.35 20.72 31.00
N TYR C 90 -23.69 19.73 30.18
CA TYR C 90 -22.74 18.69 29.81
C TYR C 90 -22.52 18.64 28.32
N PHE C 91 -21.25 18.59 27.92
CA PHE C 91 -20.88 18.53 26.50
C PHE C 91 -19.94 17.37 26.29
N CYS C 92 -19.88 16.89 25.06
CA CYS C 92 -19.01 15.81 24.68
C CYS C 92 -18.20 16.34 23.50
N GLN C 93 -16.89 16.08 23.49
CA GLN C 93 -16.10 16.56 22.37
C GLN C 93 -15.21 15.44 21.89
N GLN C 94 -15.08 15.34 20.56
CA GLN C 94 -14.28 14.32 19.94
C GLN C 94 -12.85 14.80 19.76
N SER C 95 -11.90 14.11 20.38
CA SER C 95 -10.51 14.48 20.23
C SER C 95 -9.93 13.49 19.24
N LYS C 96 -10.51 13.46 18.05
CA LYS C 96 -10.05 12.54 17.03
C LYS C 96 -9.57 13.23 15.74
N GLU C 97 -10.43 14.04 15.13
CA GLU C 97 -10.03 14.70 13.90
C GLU C 97 -9.51 16.10 14.21
N VAL C 98 -8.70 16.68 13.31
CA VAL C 98 -8.12 18.01 13.55
C VAL C 98 -9.11 19.08 13.97
N PRO C 99 -10.30 19.10 13.36
CA PRO C 99 -11.21 20.14 13.82
C PRO C 99 -12.02 19.48 14.96
N LEU C 100 -11.48 19.58 16.17
CA LEU C 100 -12.14 19.02 17.35
C LEU C 100 -13.52 19.63 17.38
N THR C 101 -14.52 18.83 17.71
CA THR C 101 -15.87 19.34 17.74
C THR C 101 -16.53 19.04 19.08
N PHE C 102 -17.54 19.83 19.42
CA PHE C 102 -18.27 19.67 20.67
C PHE C 102 -19.75 19.33 20.38
N GLY C 103 -20.44 18.84 21.41
CA GLY C 103 -21.84 18.53 21.26
C GLY C 103 -22.61 19.78 21.65
N ALA C 104 -23.88 19.86 21.25
CA ALA C 104 -24.69 21.01 21.59
C ALA C 104 -25.02 21.02 23.08
N GLY C 105 -24.53 20.02 23.80
CA GLY C 105 -24.77 19.98 25.22
C GLY C 105 -26.12 19.44 25.66
N THR C 106 -26.15 18.99 26.90
CA THR C 106 -27.34 18.48 27.54
C THR C 106 -27.44 19.23 28.86
N LYS C 107 -28.65 19.63 29.22
CA LYS C 107 -28.85 20.35 30.45
C LYS C 107 -29.42 19.39 31.49
N VAL C 108 -28.54 18.80 32.31
CA VAL C 108 -29.00 17.86 33.33
C VAL C 108 -29.41 18.60 34.60
N GLU C 109 -30.72 18.70 34.81
CA GLU C 109 -31.25 19.38 35.98
C GLU C 109 -31.71 18.36 36.99
N LEU C 110 -31.54 18.68 38.27
CA LEU C 110 -31.95 17.76 39.31
C LEU C 110 -33.44 17.90 39.56
N LYS C 111 -34.15 16.77 39.54
CA LYS C 111 -35.59 16.78 39.79
C LYS C 111 -35.95 16.74 41.26
N ARG C 112 -36.25 17.91 41.81
CA ARG C 112 -36.64 18.02 43.19
C ARG C 112 -38.15 18.03 43.18
N ALA C 113 -38.76 17.88 44.34
CA ALA C 113 -40.22 17.89 44.44
C ALA C 113 -40.67 19.26 43.97
N ASP C 114 -41.91 19.37 43.52
CA ASP C 114 -42.41 20.66 43.04
C ASP C 114 -42.43 21.67 44.20
N ALA C 115 -42.31 22.95 43.87
CA ALA C 115 -42.31 23.99 44.88
C ALA C 115 -42.98 25.20 44.29
N ALA C 116 -43.82 25.87 45.07
CA ALA C 116 -44.55 27.03 44.60
C ALA C 116 -43.73 28.32 44.58
N PRO C 117 -43.82 29.10 43.49
CA PRO C 117 -43.08 30.34 43.35
C PRO C 117 -43.50 31.40 44.35
N THR C 118 -42.52 31.88 45.10
CA THR C 118 -42.74 32.92 46.10
C THR C 118 -42.84 34.26 45.37
N VAL C 119 -44.02 34.54 44.84
CA VAL C 119 -44.26 35.76 44.10
C VAL C 119 -44.29 36.96 45.06
N SER C 120 -43.71 38.06 44.61
CA SER C 120 -43.66 39.30 45.36
C SER C 120 -43.44 40.45 44.37
N ILE C 121 -44.41 41.36 44.30
CA ILE C 121 -44.36 42.48 43.38
C ILE C 121 -43.96 43.79 44.07
N PHE C 122 -43.31 44.66 43.30
CA PHE C 122 -42.84 45.95 43.79
C PHE C 122 -43.25 47.08 42.82
N PRO C 123 -43.70 48.21 43.37
CA PRO C 123 -44.12 49.38 42.58
C PRO C 123 -42.88 50.17 42.17
N PRO C 124 -43.01 51.04 41.16
CA PRO C 124 -41.85 51.82 40.74
C PRO C 124 -41.52 52.84 41.81
N SER C 125 -40.29 52.77 42.32
CA SER C 125 -39.86 53.71 43.34
C SER C 125 -40.01 55.14 42.84
N SER C 126 -40.19 56.04 43.79
CA SER C 126 -40.35 57.47 43.53
C SER C 126 -39.33 57.96 42.53
N GLU C 127 -38.07 57.57 42.75
CA GLU C 127 -36.94 57.96 41.89
C GLU C 127 -37.04 57.58 40.42
N GLN C 128 -37.52 56.38 40.11
CA GLN C 128 -37.65 55.99 38.71
C GLN C 128 -38.72 56.86 38.04
N LEU C 129 -39.76 57.18 38.81
CA LEU C 129 -40.86 58.00 38.32
C LEU C 129 -40.38 59.41 37.99
N THR C 130 -39.56 60.01 38.86
CA THR C 130 -39.03 61.35 38.62
C THR C 130 -38.17 61.28 37.37
N SER C 131 -37.60 60.11 37.15
CA SER C 131 -36.76 59.86 36.00
C SER C 131 -37.63 59.82 34.74
N GLY C 132 -38.92 60.05 34.89
CA GLY C 132 -39.81 60.04 33.74
C GLY C 132 -40.26 58.64 33.35
N GLY C 133 -39.79 57.63 34.10
CA GLY C 133 -40.14 56.26 33.80
C GLY C 133 -40.74 55.51 34.96
N ALA C 134 -41.25 54.31 34.70
CA ALA C 134 -41.85 53.50 35.75
C ALA C 134 -41.91 52.03 35.40
N SER C 135 -41.23 51.23 36.22
CA SER C 135 -41.18 49.79 36.04
C SER C 135 -41.63 49.10 37.33
N VAL C 136 -42.61 48.21 37.17
CA VAL C 136 -43.14 47.43 38.29
C VAL C 136 -42.42 46.08 38.27
N VAL C 137 -41.52 45.89 39.23
CA VAL C 137 -40.71 44.67 39.31
C VAL C 137 -41.33 43.56 40.13
N CYS C 138 -41.40 42.37 39.54
CA CYS C 138 -41.98 41.21 40.21
C CYS C 138 -41.03 40.01 40.31
N PHE C 139 -40.93 39.44 41.50
CA PHE C 139 -40.07 38.29 41.76
C PHE C 139 -40.85 37.00 41.98
N LEU C 140 -40.60 36.00 41.12
CA LEU C 140 -41.22 34.68 41.23
C LEU C 140 -40.03 33.82 41.67
N ASN C 141 -39.83 33.69 42.97
CA ASN C 141 -38.67 32.96 43.48
C ASN C 141 -38.80 31.55 44.03
N ASN C 142 -37.71 30.81 43.97
CA ASN C 142 -37.62 29.46 44.50
C ASN C 142 -38.62 28.43 43.98
N PHE C 143 -39.09 28.57 42.74
CA PHE C 143 -40.06 27.60 42.22
C PHE C 143 -39.48 26.39 41.48
N TYR C 144 -40.32 25.38 41.27
CA TYR C 144 -39.93 24.20 40.52
C TYR C 144 -41.21 23.46 40.17
N PRO C 145 -41.35 23.01 38.91
CA PRO C 145 -40.49 23.07 37.72
C PRO C 145 -40.15 24.45 37.14
N LYS C 146 -39.20 24.43 36.21
CA LYS C 146 -38.70 25.61 35.49
C LYS C 146 -39.81 26.42 34.85
N ASP C 147 -40.80 25.72 34.31
CA ASP C 147 -41.92 26.32 33.60
C ASP C 147 -42.88 27.13 34.46
N ILE C 148 -42.89 28.44 34.25
CA ILE C 148 -43.78 29.34 34.98
C ILE C 148 -44.30 30.39 34.00
N ASN C 149 -45.58 30.71 34.12
CA ASN C 149 -46.21 31.67 33.25
C ASN C 149 -46.67 32.89 34.04
N VAL C 150 -45.94 33.98 33.93
CA VAL C 150 -46.32 35.20 34.64
C VAL C 150 -47.16 36.02 33.66
N LYS C 151 -48.06 36.84 34.20
CA LYS C 151 -48.94 37.67 33.39
C LYS C 151 -49.32 38.88 34.22
N TRP C 152 -49.39 40.03 33.58
CA TRP C 152 -49.71 41.27 34.27
C TRP C 152 -51.16 41.68 34.09
N LYS C 153 -51.68 42.43 35.05
CA LYS C 153 -53.05 42.89 34.98
C LYS C 153 -53.14 44.36 35.39
N ILE C 154 -53.06 45.27 34.41
CA ILE C 154 -53.16 46.68 34.71
C ILE C 154 -54.63 47.00 34.89
N ASP C 155 -54.99 47.26 36.14
CA ASP C 155 -56.37 47.59 36.52
C ASP C 155 -57.30 46.46 36.12
N GLY C 156 -56.73 45.27 35.98
CA GLY C 156 -57.51 44.11 35.56
C GLY C 156 -57.29 43.78 34.11
N SER C 157 -56.97 44.79 33.31
CA SER C 157 -56.72 44.58 31.88
C SER C 157 -55.36 43.93 31.69
N GLU C 158 -55.37 42.77 31.03
CA GLU C 158 -54.14 42.02 30.79
C GLU C 158 -53.04 42.74 30.01
N ARG C 159 -52.10 43.33 30.73
CA ARG C 159 -50.98 44.03 30.11
C ARG C 159 -49.95 42.98 29.73
N GLN C 160 -49.54 42.99 28.47
CA GLN C 160 -48.55 42.05 27.99
C GLN C 160 -47.45 42.77 27.23
N ASN C 161 -47.60 44.09 27.06
CA ASN C 161 -46.59 44.85 26.33
C ASN C 161 -45.75 45.69 27.26
N GLY C 162 -44.44 45.57 27.08
CA GLY C 162 -43.52 46.32 27.93
C GLY C 162 -43.24 45.50 29.17
N VAL C 163 -42.80 44.26 28.95
CA VAL C 163 -42.49 43.35 30.05
C VAL C 163 -41.35 42.46 29.59
N LEU C 164 -40.27 42.45 30.35
CA LEU C 164 -39.11 41.63 30.02
C LEU C 164 -39.01 40.54 31.06
N ASN C 165 -38.24 39.50 30.79
CA ASN C 165 -38.09 38.41 31.74
C ASN C 165 -36.69 37.89 31.84
N SER C 166 -36.35 37.39 33.02
CA SER C 166 -35.04 36.82 33.26
C SER C 166 -35.24 35.72 34.28
N TRP C 167 -34.55 34.61 34.07
CA TRP C 167 -34.64 33.47 34.94
C TRP C 167 -33.28 33.24 35.55
N THR C 168 -33.23 32.37 36.53
CA THR C 168 -31.98 32.03 37.18
C THR C 168 -31.69 30.58 36.86
N ASP C 169 -30.42 30.23 36.96
CA ASP C 169 -29.97 28.87 36.71
C ASP C 169 -30.46 28.06 37.91
N GLN C 170 -30.66 26.76 37.72
CA GLN C 170 -31.12 25.92 38.82
C GLN C 170 -30.11 25.97 39.95
N ASP C 171 -30.56 26.41 41.11
CA ASP C 171 -29.67 26.53 42.25
C ASP C 171 -29.08 25.18 42.64
N SER C 172 -27.78 25.00 42.40
CA SER C 172 -27.07 23.78 42.75
C SER C 172 -26.92 23.67 44.28
N LYS C 173 -28.06 23.54 44.95
CA LYS C 173 -28.12 23.41 46.39
C LYS C 173 -29.57 23.05 46.72
N ASP C 174 -30.49 23.99 46.48
CA ASP C 174 -31.89 23.73 46.75
C ASP C 174 -32.67 23.40 45.50
N SER C 175 -31.92 23.19 44.41
CA SER C 175 -32.45 22.82 43.11
C SER C 175 -33.66 23.59 42.55
N THR C 176 -33.94 24.77 43.08
CA THR C 176 -35.07 25.56 42.60
C THR C 176 -34.65 26.54 41.52
N TYR C 177 -35.65 27.20 40.94
CA TYR C 177 -35.49 28.19 39.89
C TYR C 177 -36.09 29.52 40.39
N SER C 178 -35.60 30.62 39.84
CA SER C 178 -36.10 31.93 40.24
C SER C 178 -36.01 32.90 39.09
N MET C 179 -37.11 33.58 38.81
CA MET C 179 -37.13 34.53 37.72
C MET C 179 -37.67 35.86 38.19
N SER C 180 -37.88 36.76 37.24
CA SER C 180 -38.40 38.08 37.55
C SER C 180 -39.07 38.64 36.31
N SER C 181 -40.19 39.33 36.52
CA SER C 181 -40.93 39.93 35.44
C SER C 181 -40.88 41.43 35.70
N THR C 182 -40.57 42.20 34.68
CA THR C 182 -40.47 43.64 34.83
C THR C 182 -41.32 44.41 33.83
N LEU C 183 -42.45 44.92 34.29
CA LEU C 183 -43.32 45.71 33.43
C LEU C 183 -42.75 47.12 33.44
N THR C 184 -42.48 47.67 32.27
CA THR C 184 -41.95 49.01 32.16
C THR C 184 -42.93 49.83 31.36
N LEU C 185 -43.07 51.09 31.76
CA LEU C 185 -43.96 52.03 31.09
C LEU C 185 -43.50 53.45 31.43
N THR C 186 -44.33 54.40 31.08
CA THR C 186 -44.03 55.80 31.35
C THR C 186 -44.65 56.22 32.68
N LYS C 187 -44.05 57.20 33.36
CA LYS C 187 -44.61 57.69 34.62
C LYS C 187 -46.08 58.00 34.35
N ASP C 188 -46.31 58.61 33.19
CA ASP C 188 -47.64 58.98 32.74
C ASP C 188 -48.53 57.74 32.75
N GLU C 189 -48.11 56.73 32.00
CA GLU C 189 -48.82 55.46 31.91
C GLU C 189 -49.17 54.96 33.32
N TYR C 190 -48.17 54.98 34.20
CA TYR C 190 -48.34 54.52 35.55
C TYR C 190 -49.44 55.31 36.26
N GLU C 191 -49.46 56.62 36.07
CA GLU C 191 -50.46 57.47 36.69
C GLU C 191 -51.81 57.36 35.99
N ARG C 192 -51.81 56.82 34.77
CA ARG C 192 -53.05 56.65 34.03
C ARG C 192 -53.76 55.37 34.48
N HIS C 193 -53.22 54.70 35.50
CA HIS C 193 -53.82 53.47 36.00
C HIS C 193 -53.87 53.50 37.52
N ASN C 194 -54.32 52.41 38.15
CA ASN C 194 -54.41 52.35 39.60
C ASN C 194 -53.91 51.03 40.22
N SER C 195 -54.64 49.95 39.98
CA SER C 195 -54.25 48.63 40.48
C SER C 195 -53.27 47.91 39.52
N TYR C 196 -52.40 47.07 40.08
CA TYR C 196 -51.43 46.32 39.28
C TYR C 196 -51.29 44.91 39.84
N THR C 197 -51.16 43.95 38.94
CA THR C 197 -51.06 42.56 39.37
C THR C 197 -50.09 41.70 38.59
N CYS C 198 -49.25 41.00 39.34
CA CYS C 198 -48.30 40.07 38.77
C CYS C 198 -49.06 38.77 38.99
N GLU C 199 -49.25 38.00 37.92
CA GLU C 199 -50.00 36.76 37.97
C GLU C 199 -49.20 35.60 37.37
N ALA C 200 -49.04 34.53 38.14
CA ALA C 200 -48.30 33.38 37.66
C ALA C 200 -49.12 32.07 37.76
N THR C 201 -48.98 31.23 36.73
CA THR C 201 -49.64 29.94 36.69
C THR C 201 -48.50 28.93 36.70
N HIS C 202 -48.49 28.06 37.69
CA HIS C 202 -47.43 27.08 37.82
C HIS C 202 -47.99 25.86 38.54
N LYS C 203 -47.86 24.69 37.91
CA LYS C 203 -48.34 23.41 38.43
C LYS C 203 -48.58 23.23 39.94
N THR C 204 -47.78 23.90 40.77
CA THR C 204 -47.93 23.79 42.21
C THR C 204 -49.24 24.40 42.73
N SER C 205 -50.09 24.83 41.79
CA SER C 205 -51.38 25.40 42.10
C SER C 205 -52.08 25.70 40.78
N THR C 206 -53.28 25.14 40.63
CA THR C 206 -54.07 25.36 39.42
C THR C 206 -54.43 26.85 39.30
N SER C 207 -54.89 27.41 40.41
CA SER C 207 -55.30 28.81 40.47
C SER C 207 -54.11 29.76 40.35
N PRO C 208 -54.34 30.96 39.75
CA PRO C 208 -53.29 31.96 39.57
C PRO C 208 -52.71 32.42 40.90
N ILE C 209 -51.39 32.29 41.04
CA ILE C 209 -50.69 32.73 42.24
C ILE C 209 -50.42 34.18 41.87
N VAL C 210 -51.01 35.11 42.60
CA VAL C 210 -50.85 36.52 42.26
C VAL C 210 -50.46 37.45 43.39
N LYS C 211 -49.84 38.57 43.00
CA LYS C 211 -49.43 39.61 43.94
C LYS C 211 -49.82 40.92 43.28
N SER C 212 -50.36 41.85 44.05
CA SER C 212 -50.78 43.12 43.50
C SER C 212 -50.69 44.26 44.48
N PHE C 213 -50.95 45.46 43.96
CA PHE C 213 -50.94 46.71 44.72
C PHE C 213 -51.72 47.75 43.93
N ASN C 214 -52.28 48.73 44.62
CA ASN C 214 -53.00 49.82 43.96
C ASN C 214 -52.15 51.03 44.30
N ARG C 215 -51.90 51.88 43.31
CA ARG C 215 -51.07 53.07 43.49
C ARG C 215 -51.35 53.78 44.81
N ASN C 216 -52.63 53.93 45.10
CA ASN C 216 -53.11 54.59 46.31
C ASN C 216 -52.42 54.06 47.57
N GLU C 217 -51.99 55.00 48.42
CA GLU C 217 -51.34 54.66 49.68
C GLU C 217 -51.76 55.68 50.77
N GLN D 1 -0.12 24.49 39.50
CA GLN D 1 -0.55 25.92 39.42
C GLN D 1 -0.22 26.51 38.04
N VAL D 2 -0.52 25.74 36.99
CA VAL D 2 -0.28 26.24 35.65
C VAL D 2 -1.43 27.24 35.57
N GLN D 3 -1.13 28.48 35.21
CA GLN D 3 -2.18 29.47 35.18
C GLN D 3 -2.39 30.01 33.80
N LEU D 4 -3.62 29.91 33.32
CA LEU D 4 -3.92 30.46 32.03
C LEU D 4 -4.76 31.65 32.40
N GLN D 5 -4.12 32.82 32.43
CA GLN D 5 -4.78 34.07 32.77
C GLN D 5 -5.08 34.88 31.52
N GLN D 6 -6.30 35.37 31.38
CA GLN D 6 -6.70 36.16 30.23
C GLN D 6 -7.73 37.22 30.62
N PRO D 7 -7.71 38.39 29.97
CA PRO D 7 -8.60 39.53 30.22
C PRO D 7 -10.03 39.19 30.63
N GLY D 8 -10.52 39.92 31.61
CA GLY D 8 -11.87 39.70 32.08
C GLY D 8 -12.84 39.95 30.96
N SER D 9 -12.95 41.20 30.53
CA SER D 9 -13.86 41.55 29.46
C SER D 9 -13.26 42.59 28.54
N VAL D 10 -13.83 42.70 27.34
CA VAL D 10 -13.38 43.65 26.33
C VAL D 10 -14.56 44.20 25.53
N LEU D 11 -14.56 45.50 25.27
CA LEU D 11 -15.61 46.16 24.47
C LEU D 11 -15.03 46.82 23.21
N VAL D 12 -15.50 46.40 22.04
CA VAL D 12 -15.04 46.99 20.80
C VAL D 12 -16.24 47.30 19.93
N ARG D 13 -16.03 48.26 19.04
CA ARG D 13 -17.03 48.73 18.11
C ARG D 13 -16.94 47.81 16.91
N PRO D 14 -18.03 47.66 16.15
CA PRO D 14 -18.02 46.80 14.97
C PRO D 14 -17.04 47.28 13.92
N GLY D 15 -16.58 46.35 13.10
CA GLY D 15 -15.63 46.68 12.05
C GLY D 15 -14.21 46.80 12.55
N ALA D 16 -14.01 46.66 13.85
CA ALA D 16 -12.67 46.75 14.39
C ALA D 16 -12.06 45.36 14.50
N SER D 17 -11.06 45.24 15.35
CA SER D 17 -10.37 43.98 15.57
C SER D 17 -9.85 43.99 17.00
N VAL D 18 -9.61 42.81 17.56
CA VAL D 18 -9.10 42.73 18.92
C VAL D 18 -8.17 41.54 19.06
N LYS D 19 -7.10 41.71 19.83
CA LYS D 19 -6.14 40.64 20.03
C LYS D 19 -6.33 40.22 21.45
N LEU D 20 -6.97 39.09 21.64
CA LEU D 20 -7.20 38.57 22.97
C LEU D 20 -5.91 37.85 23.42
N SER D 21 -5.63 37.88 24.72
CA SER D 21 -4.44 37.23 25.24
C SER D 21 -4.74 35.97 26.07
N CYS D 22 -3.69 35.35 26.59
CA CYS D 22 -3.78 34.17 27.44
C CYS D 22 -2.35 33.94 27.91
N LYS D 23 -1.96 34.73 28.91
CA LYS D 23 -0.63 34.68 29.49
C LYS D 23 -0.48 33.42 30.34
N ALA D 24 0.11 32.39 29.76
CA ALA D 24 0.31 31.14 30.47
C ALA D 24 1.38 31.27 31.55
N SER D 25 1.22 30.51 32.62
CA SER D 25 2.14 30.53 33.74
C SER D 25 2.10 29.14 34.35
N GLY D 26 3.02 28.86 35.27
CA GLY D 26 3.04 27.56 35.93
C GLY D 26 3.85 26.50 35.21
N TYR D 27 3.50 26.21 33.96
CA TYR D 27 4.17 25.19 33.17
C TYR D 27 5.05 25.78 32.06
N THR D 28 5.92 24.96 31.44
CA THR D 28 6.79 25.43 30.36
C THR D 28 6.00 25.58 29.08
N PHE D 29 5.51 26.78 28.87
CA PHE D 29 4.71 27.17 27.73
C PHE D 29 4.88 26.41 26.42
N THR D 30 6.12 26.16 26.01
CA THR D 30 6.35 25.47 24.75
C THR D 30 6.04 23.97 24.73
N SER D 31 5.63 23.43 25.87
CA SER D 31 5.31 22.00 25.98
C SER D 31 3.99 21.55 25.40
N SER D 32 2.95 22.34 25.62
CA SER D 32 1.59 22.03 25.19
C SER D 32 0.93 22.98 24.18
N TRP D 33 -0.03 22.46 23.43
CA TRP D 33 -0.77 23.23 22.41
C TRP D 33 -1.87 24.08 23.05
N ILE D 34 -1.88 25.37 22.76
CA ILE D 34 -2.92 26.22 23.30
C ILE D 34 -4.07 26.19 22.29
N HIS D 35 -5.28 25.96 22.80
CA HIS D 35 -6.50 25.91 21.99
C HIS D 35 -7.33 27.12 22.35
N TRP D 36 -8.22 27.52 21.45
CA TRP D 36 -9.10 28.65 21.69
C TRP D 36 -10.52 28.22 21.38
N ALA D 37 -11.45 28.52 22.29
CA ALA D 37 -12.85 28.14 22.10
C ALA D 37 -13.79 29.32 22.33
N LYS D 38 -14.82 29.41 21.50
CA LYS D 38 -15.80 30.49 21.58
C LYS D 38 -17.10 29.89 22.04
N GLN D 39 -17.83 30.64 22.88
CA GLN D 39 -19.11 30.17 23.39
C GLN D 39 -20.03 31.36 23.58
N ARG D 40 -21.10 31.38 22.80
CA ARG D 40 -22.08 32.46 22.88
C ARG D 40 -23.02 32.10 24.04
N PRO D 41 -23.35 33.09 24.88
CA PRO D 41 -24.26 32.83 26.02
C PRO D 41 -25.48 32.08 25.55
N GLY D 42 -25.71 30.92 26.14
CA GLY D 42 -26.84 30.11 25.74
C GLY D 42 -26.43 29.40 24.47
N GLN D 43 -25.35 28.63 24.56
CA GLN D 43 -24.84 27.89 23.43
C GLN D 43 -23.64 27.05 23.87
N GLY D 44 -23.27 26.07 23.04
CA GLY D 44 -22.14 25.23 23.38
C GLY D 44 -20.82 25.86 22.99
N LEU D 45 -19.77 25.04 23.03
CA LEU D 45 -18.43 25.49 22.67
C LEU D 45 -18.04 25.20 21.21
N GLU D 46 -17.65 26.24 20.48
CA GLU D 46 -17.18 26.12 19.11
C GLU D 46 -15.66 26.03 19.24
N TRP D 47 -15.01 25.32 18.34
CA TRP D 47 -13.55 25.21 18.36
C TRP D 47 -13.01 26.26 17.38
N ILE D 48 -12.20 27.19 17.87
CA ILE D 48 -11.62 28.21 16.99
C ILE D 48 -10.37 27.64 16.31
N GLY D 49 -9.51 27.00 17.10
CA GLY D 49 -8.28 26.41 16.59
C GLY D 49 -7.26 26.13 17.70
N GLU D 50 -6.06 25.72 17.31
CA GLU D 50 -5.02 25.44 18.27
C GLU D 50 -3.66 25.84 17.70
N ILE D 51 -2.69 26.06 18.58
CA ILE D 51 -1.34 26.45 18.16
C ILE D 51 -0.30 25.86 19.11
N HIS D 52 0.86 25.51 18.58
CA HIS D 52 1.91 24.94 19.40
C HIS D 52 3.06 25.93 19.51
N PRO D 53 3.29 26.48 20.70
CA PRO D 53 4.33 27.46 21.01
C PRO D 53 5.77 27.19 20.51
N ASN D 54 6.23 25.96 20.58
CA ASN D 54 7.59 25.71 20.11
C ASN D 54 7.72 25.47 18.62
N SER D 55 6.64 25.68 17.86
CA SER D 55 6.69 25.45 16.42
C SER D 55 5.81 26.33 15.55
N GLY D 56 4.83 26.97 16.14
CA GLY D 56 3.93 27.83 15.39
C GLY D 56 2.91 27.07 14.55
N ASN D 57 2.93 25.74 14.61
CA ASN D 57 1.96 24.96 13.84
C ASN D 57 0.60 25.34 14.38
N THR D 58 -0.41 25.29 13.52
CA THR D 58 -1.75 25.66 13.92
C THR D 58 -2.75 24.75 13.24
N ASN D 59 -3.98 24.74 13.73
CA ASN D 59 -5.06 23.96 13.14
C ASN D 59 -6.23 24.85 13.46
N TYR D 60 -6.81 25.51 12.46
CA TYR D 60 -7.96 26.36 12.73
C TYR D 60 -9.18 25.62 12.27
N ASN D 61 -10.35 26.04 12.75
CA ASN D 61 -11.62 25.44 12.36
C ASN D 61 -11.97 26.17 11.08
N GLU D 62 -12.30 25.42 10.03
CA GLU D 62 -12.64 26.01 8.75
C GLU D 62 -13.60 27.19 8.92
N LYS D 63 -14.55 27.06 9.84
CA LYS D 63 -15.51 28.12 10.09
C LYS D 63 -14.82 29.45 10.42
N PHE D 64 -13.92 29.40 11.38
CA PHE D 64 -13.18 30.57 11.83
C PHE D 64 -12.04 30.94 10.92
N LYS D 65 -11.74 30.10 9.94
CA LYS D 65 -10.67 30.40 9.02
C LYS D 65 -11.10 31.67 8.30
N GLY D 66 -10.41 32.77 8.58
CA GLY D 66 -10.75 34.04 7.95
C GLY D 66 -11.08 35.11 8.98
N LYS D 67 -11.55 34.66 10.14
CA LYS D 67 -11.92 35.54 11.26
C LYS D 67 -10.87 35.54 12.35
N ALA D 68 -10.47 34.35 12.78
CA ALA D 68 -9.49 34.21 13.85
C ALA D 68 -8.09 33.78 13.38
N THR D 69 -7.07 34.45 13.93
CA THR D 69 -5.67 34.15 13.61
C THR D 69 -4.96 33.86 14.92
N LEU D 70 -4.40 32.68 15.06
CA LEU D 70 -3.70 32.30 16.29
C LEU D 70 -2.21 32.61 16.27
N THR D 71 -1.77 33.29 17.31
CA THR D 71 -0.37 33.66 17.46
C THR D 71 0.12 33.26 18.84
N VAL D 72 1.38 33.58 19.12
CA VAL D 72 1.98 33.23 20.41
C VAL D 72 3.15 34.17 20.68
N ASP D 73 3.71 34.09 21.89
CA ASP D 73 4.87 34.90 22.25
C ASP D 73 5.65 34.12 23.30
N THR D 74 6.27 33.03 22.87
CA THR D 74 7.03 32.15 23.74
C THR D 74 7.85 32.90 24.76
N SER D 75 8.40 34.02 24.31
CA SER D 75 9.21 34.89 25.13
C SER D 75 8.45 35.25 26.40
N SER D 76 7.21 35.68 26.26
CA SER D 76 6.39 36.04 27.42
C SER D 76 5.17 35.13 27.62
N SER D 77 5.39 33.82 27.45
CA SER D 77 4.39 32.78 27.62
C SER D 77 2.95 33.19 27.32
N THR D 78 2.70 33.81 26.18
CA THR D 78 1.34 34.22 25.89
C THR D 78 0.85 33.90 24.51
N ALA D 79 -0.34 33.32 24.46
CA ALA D 79 -0.95 32.97 23.22
C ALA D 79 -1.99 34.03 22.92
N TYR D 80 -2.21 34.32 21.64
CA TYR D 80 -3.17 35.34 21.23
C TYR D 80 -4.08 34.85 20.11
N VAL D 81 -5.20 35.54 19.94
CA VAL D 81 -6.14 35.26 18.88
C VAL D 81 -6.55 36.63 18.40
N ASP D 82 -6.38 36.89 17.13
CA ASP D 82 -6.74 38.19 16.61
C ASP D 82 -8.01 38.01 15.80
N LEU D 83 -9.07 38.64 16.26
CA LEU D 83 -10.36 38.55 15.61
C LEU D 83 -10.52 39.73 14.67
N SER D 84 -10.67 39.44 13.38
CA SER D 84 -10.81 40.47 12.35
C SER D 84 -12.25 40.87 12.06
N SER D 85 -12.42 42.06 11.48
CA SER D 85 -13.73 42.62 11.10
C SER D 85 -14.82 42.25 12.10
N LEU D 86 -14.59 42.59 13.37
CA LEU D 86 -15.55 42.24 14.40
C LEU D 86 -16.96 42.73 14.17
N THR D 87 -17.94 41.87 14.43
CA THR D 87 -19.35 42.22 14.28
C THR D 87 -20.07 41.72 15.51
N SER D 88 -21.36 42.06 15.62
CA SER D 88 -22.13 41.69 16.79
C SER D 88 -22.04 40.21 17.11
N GLU D 89 -21.95 39.39 16.07
CA GLU D 89 -21.88 37.94 16.27
C GLU D 89 -20.72 37.54 17.16
N ASP D 90 -19.56 38.12 16.91
CA ASP D 90 -18.36 37.81 17.66
C ASP D 90 -18.47 37.96 19.17
N SER D 91 -19.52 38.63 19.64
CA SER D 91 -19.72 38.84 21.06
C SER D 91 -19.99 37.53 21.80
N ALA D 92 -18.96 36.92 22.36
CA ALA D 92 -19.11 35.67 23.11
C ALA D 92 -17.92 35.49 24.04
N VAL D 93 -17.98 34.50 24.91
CA VAL D 93 -16.88 34.27 25.83
C VAL D 93 -15.82 33.45 25.10
N TYR D 94 -14.57 33.90 25.13
CA TYR D 94 -13.47 33.21 24.45
C TYR D 94 -12.52 32.58 25.43
N TYR D 95 -12.53 31.26 25.52
CA TYR D 95 -11.64 30.54 26.41
C TYR D 95 -10.34 30.12 25.70
N CYS D 96 -9.28 29.99 26.48
CA CYS D 96 -8.01 29.53 25.95
C CYS D 96 -7.74 28.32 26.82
N ALA D 97 -7.42 27.20 26.19
CA ALA D 97 -7.20 25.96 26.93
C ALA D 97 -5.91 25.27 26.53
N ARG D 98 -5.26 24.67 27.50
CA ARG D 98 -4.03 23.97 27.24
C ARG D 98 -4.37 22.52 26.95
N TRP D 99 -3.66 21.95 25.98
CA TRP D 99 -3.83 20.55 25.60
C TRP D 99 -2.64 19.85 26.23
N ARG D 100 -2.88 18.94 27.17
CA ARG D 100 -1.77 18.31 27.84
C ARG D 100 -0.73 17.64 26.95
N TYR D 101 0.53 17.96 27.24
CA TYR D 101 1.71 17.46 26.55
C TYR D 101 1.91 15.94 26.57
N GLY D 102 1.37 15.28 27.59
CA GLY D 102 1.54 13.85 27.76
C GLY D 102 0.67 12.86 27.00
N SER D 103 0.99 11.57 27.15
CA SER D 103 0.26 10.51 26.46
C SER D 103 -1.24 10.64 26.56
N PRO D 104 -1.80 10.71 27.77
CA PRO D 104 -3.26 10.84 27.79
C PRO D 104 -3.59 12.25 27.29
N TYR D 105 -4.01 12.37 26.04
CA TYR D 105 -4.32 13.67 25.47
C TYR D 105 -5.75 14.11 25.64
N TYR D 106 -5.91 15.36 26.11
CA TYR D 106 -7.20 16.00 26.36
C TYR D 106 -6.99 17.40 26.97
N PHE D 107 -8.04 18.21 26.96
CA PHE D 107 -8.00 19.56 27.51
C PHE D 107 -7.84 19.47 29.02
N ASP D 108 -6.64 19.72 29.54
CA ASP D 108 -6.40 19.62 30.97
C ASP D 108 -6.46 20.91 31.80
N TYR D 109 -6.50 22.07 31.16
CA TYR D 109 -6.57 23.33 31.92
C TYR D 109 -7.25 24.39 31.08
N TRP D 110 -8.13 25.17 31.69
CA TRP D 110 -8.84 26.22 30.95
C TRP D 110 -8.72 27.59 31.59
N GLY D 111 -8.59 28.62 30.76
CA GLY D 111 -8.53 29.97 31.28
C GLY D 111 -9.96 30.37 31.63
N GLN D 112 -10.13 31.35 32.51
CA GLN D 112 -11.47 31.76 32.88
C GLN D 112 -12.24 32.38 31.71
N GLY D 113 -11.55 32.64 30.60
CA GLY D 113 -12.20 33.21 29.44
C GLY D 113 -12.51 34.69 29.47
N THR D 114 -12.35 35.33 28.30
CA THR D 114 -12.61 36.76 28.11
C THR D 114 -13.96 37.01 27.43
N THR D 115 -14.79 37.87 28.01
CA THR D 115 -16.07 38.18 27.41
C THR D 115 -15.91 39.33 26.43
N LEU D 116 -16.34 39.13 25.18
CA LEU D 116 -16.21 40.17 24.18
C LEU D 116 -17.57 40.79 23.92
N THR D 117 -17.58 42.09 23.68
CA THR D 117 -18.80 42.81 23.39
C THR D 117 -18.51 43.63 22.14
N VAL D 118 -19.18 43.34 21.03
CA VAL D 118 -18.99 44.12 19.82
C VAL D 118 -20.28 44.94 19.66
N SER D 119 -20.26 46.16 20.16
CA SER D 119 -21.46 46.97 20.11
C SER D 119 -21.17 48.43 19.84
N SER D 120 -22.22 49.15 19.45
CA SER D 120 -22.15 50.57 19.17
C SER D 120 -22.52 51.37 20.44
N ALA D 121 -23.36 50.79 21.29
CA ALA D 121 -23.77 51.47 22.52
C ALA D 121 -22.55 52.01 23.27
N LYS D 122 -22.77 53.09 24.02
CA LYS D 122 -21.70 53.72 24.79
C LYS D 122 -21.84 53.41 26.27
N THR D 123 -20.72 53.43 26.99
CA THR D 123 -20.69 53.15 28.41
C THR D 123 -21.56 54.14 29.18
N THR D 124 -22.53 53.61 29.92
CA THR D 124 -23.46 54.41 30.73
C THR D 124 -23.57 53.77 32.10
N PRO D 125 -23.62 54.59 33.16
CA PRO D 125 -23.74 54.06 34.52
C PRO D 125 -25.15 53.52 34.76
N PRO D 126 -25.30 52.57 35.71
CA PRO D 126 -26.62 52.00 36.01
C PRO D 126 -27.46 52.85 36.93
N SER D 127 -28.69 53.13 36.51
CA SER D 127 -29.61 53.91 37.32
C SER D 127 -30.14 52.92 38.35
N VAL D 128 -29.60 52.95 39.56
CA VAL D 128 -30.05 52.03 40.61
C VAL D 128 -31.30 52.56 41.31
N TYR D 129 -32.31 51.71 41.45
CA TYR D 129 -33.55 52.11 42.10
C TYR D 129 -33.90 51.13 43.18
N PRO D 130 -34.31 51.64 44.34
CA PRO D 130 -34.68 50.80 45.48
C PRO D 130 -36.10 50.24 45.33
N LEU D 131 -36.32 49.04 45.85
CA LEU D 131 -37.62 48.38 45.78
C LEU D 131 -38.04 47.96 47.17
N ALA D 132 -39.21 48.44 47.61
CA ALA D 132 -39.76 48.11 48.91
C ALA D 132 -41.25 47.94 48.68
N PRO D 133 -41.86 46.95 49.32
CA PRO D 133 -43.30 46.70 49.15
C PRO D 133 -44.21 47.74 49.82
N GLY D 134 -45.52 47.58 49.61
CA GLY D 134 -46.48 48.49 50.20
C GLY D 134 -46.74 48.13 51.67
N SER D 135 -47.28 46.94 51.91
CA SER D 135 -47.57 46.47 53.28
C SER D 135 -47.93 44.98 53.33
N ALA D 136 -48.40 44.45 52.19
CA ALA D 136 -48.78 43.03 52.06
C ALA D 136 -47.69 42.02 52.45
N ALA D 137 -46.46 42.28 52.03
CA ALA D 137 -45.37 41.35 52.35
C ALA D 137 -45.30 41.15 53.85
N GLN D 138 -45.97 40.09 54.34
CA GLN D 138 -45.96 39.82 55.78
C GLN D 138 -46.05 38.35 56.15
N THR D 139 -45.97 37.49 55.14
CA THR D 139 -46.08 36.06 55.39
C THR D 139 -44.82 35.43 56.00
N ASN D 140 -44.97 34.15 56.33
CA ASN D 140 -43.95 33.26 56.89
C ASN D 140 -42.63 33.88 57.36
N SER D 141 -42.74 34.88 58.22
CA SER D 141 -41.59 35.55 58.80
C SER D 141 -40.56 36.03 57.79
N MET D 142 -40.95 36.19 56.53
CA MET D 142 -40.03 36.65 55.50
C MET D 142 -40.57 37.79 54.65
N VAL D 143 -39.72 38.79 54.41
CA VAL D 143 -40.08 39.93 53.59
C VAL D 143 -39.02 40.03 52.48
N THR D 144 -39.46 40.42 51.29
CA THR D 144 -38.56 40.52 50.17
C THR D 144 -38.31 41.97 49.73
N LEU D 145 -37.05 42.25 49.42
CA LEU D 145 -36.60 43.57 48.98
C LEU D 145 -35.69 43.35 47.79
N GLY D 146 -35.22 44.43 47.18
CA GLY D 146 -34.34 44.27 46.04
C GLY D 146 -34.03 45.53 45.27
N CYS D 147 -32.89 45.52 44.58
CA CYS D 147 -32.46 46.65 43.78
C CYS D 147 -32.69 46.36 42.31
N LEU D 148 -33.04 47.40 41.58
CA LEU D 148 -33.25 47.32 40.14
C LEU D 148 -32.17 48.23 39.55
N VAL D 149 -31.09 47.65 39.01
CA VAL D 149 -30.07 48.49 38.40
C VAL D 149 -30.54 48.59 36.95
N LYS D 150 -30.84 49.80 36.50
CA LYS D 150 -31.40 49.96 35.16
C LYS D 150 -30.64 50.86 34.20
N GLY D 151 -30.64 50.46 32.93
CA GLY D 151 -30.00 51.24 31.88
C GLY D 151 -28.50 51.41 31.82
N TYR D 152 -27.71 50.38 32.11
CA TYR D 152 -26.27 50.54 32.05
C TYR D 152 -25.69 49.89 30.79
N PHE D 153 -24.37 49.93 30.66
CA PHE D 153 -23.67 49.34 29.52
C PHE D 153 -22.16 49.62 29.56
N PRO D 154 -21.31 48.63 29.23
CA PRO D 154 -21.66 47.27 28.84
C PRO D 154 -21.70 46.45 30.11
N GLU D 155 -21.77 45.13 29.98
CA GLU D 155 -21.77 44.27 31.16
C GLU D 155 -20.30 44.18 31.56
N PRO D 156 -20.00 43.78 32.81
CA PRO D 156 -20.87 43.38 33.91
C PRO D 156 -20.92 44.37 35.08
N VAL D 157 -21.87 44.12 35.96
CA VAL D 157 -22.02 44.91 37.17
C VAL D 157 -22.00 43.89 38.29
N THR D 158 -21.35 44.24 39.38
CA THR D 158 -21.28 43.35 40.50
C THR D 158 -22.18 43.90 41.59
N VAL D 159 -23.29 43.21 41.83
CA VAL D 159 -24.23 43.61 42.86
C VAL D 159 -24.01 42.74 44.10
N THR D 160 -23.98 43.37 45.26
CA THR D 160 -23.79 42.67 46.52
C THR D 160 -24.78 43.26 47.51
N TRP D 161 -25.02 42.54 48.59
CA TRP D 161 -25.92 43.02 49.64
C TRP D 161 -25.10 43.20 50.90
N ASN D 162 -25.17 44.40 51.46
CA ASN D 162 -24.44 44.78 52.67
C ASN D 162 -22.97 44.43 52.60
N SER D 163 -22.28 45.05 51.65
CA SER D 163 -20.86 44.85 51.46
C SER D 163 -20.47 43.38 51.27
N GLY D 164 -21.44 42.58 50.82
CA GLY D 164 -21.21 41.16 50.57
C GLY D 164 -21.64 40.30 51.74
N SER D 165 -21.74 40.89 52.91
CA SER D 165 -22.11 40.15 54.11
C SER D 165 -23.51 39.53 54.10
N LEU D 166 -24.44 40.12 53.36
CA LEU D 166 -25.79 39.58 53.28
C LEU D 166 -25.82 38.75 52.01
N SER D 167 -25.49 37.47 52.15
CA SER D 167 -25.44 36.53 51.04
C SER D 167 -26.70 35.69 50.88
N SER D 168 -26.98 34.85 51.88
CA SER D 168 -28.14 33.96 51.85
C SER D 168 -29.50 34.65 51.64
N GLY D 169 -30.21 34.24 50.60
CA GLY D 169 -31.51 34.80 50.29
C GLY D 169 -31.53 35.66 49.04
N VAL D 170 -30.35 36.00 48.53
CA VAL D 170 -30.20 36.85 47.34
C VAL D 170 -30.41 36.07 46.05
N HIS D 171 -30.96 36.75 45.05
CA HIS D 171 -31.19 36.22 43.71
C HIS D 171 -30.87 37.31 42.69
N THR D 172 -29.61 37.37 42.26
CA THR D 172 -29.20 38.39 41.30
C THR D 172 -29.45 37.90 39.88
N PHE D 173 -30.59 38.26 39.33
CA PHE D 173 -30.98 37.84 37.99
C PHE D 173 -30.11 38.41 36.88
N PRO D 174 -29.94 37.65 35.77
CA PRO D 174 -29.14 38.02 34.60
C PRO D 174 -29.65 39.29 33.91
N ALA D 175 -28.75 40.02 33.25
CA ALA D 175 -29.13 41.27 32.61
C ALA D 175 -29.60 41.15 31.18
N VAL D 176 -30.73 41.78 30.90
CA VAL D 176 -31.33 41.78 29.57
C VAL D 176 -30.86 43.05 28.85
N LEU D 177 -30.74 43.00 27.53
CA LEU D 177 -30.32 44.17 26.75
C LEU D 177 -31.51 44.83 26.07
N GLN D 178 -32.16 45.73 26.80
CA GLN D 178 -33.32 46.46 26.29
C GLN D 178 -32.83 47.67 25.51
N SER D 179 -32.88 47.58 24.18
CA SER D 179 -32.46 48.67 23.30
C SER D 179 -31.04 49.20 23.56
N ASP D 180 -30.04 48.36 23.30
CA ASP D 180 -28.65 48.73 23.52
C ASP D 180 -28.35 49.17 24.96
N LEU D 181 -29.15 48.68 25.90
CA LEU D 181 -28.98 49.00 27.30
C LEU D 181 -29.38 47.79 28.14
N TYR D 182 -28.70 47.63 29.27
CA TYR D 182 -28.98 46.52 30.16
C TYR D 182 -29.82 46.94 31.35
N THR D 183 -30.42 45.96 32.00
CA THR D 183 -31.26 46.17 33.14
C THR D 183 -31.33 44.85 33.85
N LEU D 184 -31.16 44.84 35.16
CA LEU D 184 -31.24 43.61 35.93
C LEU D 184 -31.76 43.94 37.32
N SER D 185 -31.85 42.94 38.19
CA SER D 185 -32.34 43.14 39.53
C SER D 185 -31.76 42.09 40.44
N SER D 186 -31.82 42.33 41.75
CA SER D 186 -31.29 41.38 42.71
C SER D 186 -32.07 41.41 44.00
N SER D 187 -32.99 40.46 44.16
CA SER D 187 -33.85 40.37 45.35
C SER D 187 -33.17 39.74 46.55
N VAL D 188 -33.46 40.29 47.72
CA VAL D 188 -32.89 39.80 48.96
C VAL D 188 -34.05 39.57 49.94
N THR D 189 -34.03 38.45 50.62
CA THR D 189 -35.08 38.10 51.57
C THR D 189 -34.64 38.17 53.03
N VAL D 190 -35.31 39.04 53.78
CA VAL D 190 -34.99 39.24 55.19
C VAL D 190 -36.09 38.70 56.10
N PRO D 191 -35.70 38.23 57.30
CA PRO D 191 -36.60 37.67 58.32
C PRO D 191 -37.49 38.74 58.95
N SER D 192 -38.66 38.93 58.37
CA SER D 192 -39.65 39.93 58.83
C SER D 192 -39.19 40.95 59.86
N SER D 193 -38.89 40.49 61.06
CA SER D 193 -38.46 41.36 62.13
C SER D 193 -37.00 41.75 61.96
N THR D 194 -36.68 42.37 60.82
CA THR D 194 -35.31 42.78 60.49
C THR D 194 -35.17 44.12 59.76
N TRP D 195 -35.33 44.11 58.43
CA TRP D 195 -35.15 45.31 57.61
C TRP D 195 -35.75 46.65 58.03
N PRO D 196 -36.99 46.66 58.57
CA PRO D 196 -37.49 47.98 58.94
C PRO D 196 -36.64 48.58 60.06
N SER D 197 -35.76 47.77 60.65
CA SER D 197 -34.88 48.24 61.71
C SER D 197 -33.49 47.61 61.60
N GLU D 198 -33.11 47.29 60.37
CA GLU D 198 -31.80 46.70 60.12
C GLU D 198 -31.27 47.12 58.74
N THR D 199 -29.97 47.32 58.65
CA THR D 199 -29.36 47.75 57.41
C THR D 199 -29.39 46.69 56.29
N VAL D 200 -30.10 47.01 55.21
CA VAL D 200 -30.20 46.14 54.04
C VAL D 200 -30.02 47.09 52.85
N THR D 201 -28.76 47.22 52.44
CA THR D 201 -28.34 48.11 51.36
C THR D 201 -27.68 47.29 50.26
N CYS D 202 -27.84 47.72 49.01
CA CYS D 202 -27.17 47.01 47.92
C CYS D 202 -26.02 47.85 47.41
N ASN D 203 -24.92 47.19 47.09
CA ASN D 203 -23.72 47.88 46.58
C ASN D 203 -23.57 47.55 45.09
N VAL D 204 -24.08 48.42 44.24
CA VAL D 204 -24.04 48.23 42.79
C VAL D 204 -22.79 48.85 42.18
N ALA D 205 -21.82 48.01 41.83
CA ALA D 205 -20.57 48.47 41.23
C ALA D 205 -20.55 48.21 39.73
N HIS D 206 -20.25 49.24 38.95
CA HIS D 206 -20.17 49.07 37.51
C HIS D 206 -18.80 49.56 37.10
N PRO D 207 -17.83 48.64 37.04
CA PRO D 207 -16.44 48.92 36.65
C PRO D 207 -16.29 49.70 35.34
N ALA D 208 -17.04 49.33 34.32
CA ALA D 208 -16.97 50.01 33.04
C ALA D 208 -17.15 51.53 33.12
N SER D 209 -18.18 51.99 33.82
CA SER D 209 -18.46 53.42 33.94
C SER D 209 -17.87 54.06 35.17
N SER D 210 -17.03 53.31 35.88
CA SER D 210 -16.40 53.79 37.10
C SER D 210 -17.42 54.33 38.11
N THR D 211 -18.58 53.67 38.17
CA THR D 211 -19.68 54.07 39.05
C THR D 211 -20.01 52.97 40.04
N LYS D 212 -20.16 53.33 41.31
CA LYS D 212 -20.54 52.38 42.35
C LYS D 212 -21.51 53.17 43.20
N VAL D 213 -22.65 52.57 43.50
CA VAL D 213 -23.65 53.28 44.28
C VAL D 213 -24.21 52.35 45.35
N ASP D 214 -24.84 52.94 46.36
CA ASP D 214 -25.44 52.18 47.46
C ASP D 214 -26.85 52.69 47.69
N LYS D 215 -27.80 51.75 47.70
CA LYS D 215 -29.19 52.07 47.91
C LYS D 215 -29.73 51.31 49.10
N LYS D 216 -29.76 52.00 50.25
CA LYS D 216 -30.27 51.41 51.48
C LYS D 216 -31.76 51.30 51.25
N ILE D 217 -32.24 50.05 51.19
CA ILE D 217 -33.65 49.82 50.98
C ILE D 217 -34.36 50.30 52.23
N VAL D 218 -35.09 51.41 52.08
CA VAL D 218 -35.82 51.99 53.20
C VAL D 218 -37.34 51.92 53.02
N PRO D 219 -38.07 51.77 54.14
CA PRO D 219 -39.53 51.68 54.11
C PRO D 219 -40.08 52.99 53.55
N LYS D 220 -40.95 52.88 52.56
CA LYS D 220 -41.55 54.03 51.90
C LYS D 220 -42.81 54.53 52.61
N ASP E 1 1.51 -10.95 -24.33
CA ASP E 1 2.89 -11.46 -24.11
C ASP E 1 3.78 -10.26 -23.81
N ILE E 2 5.09 -10.45 -24.01
CA ILE E 2 6.08 -9.41 -23.77
C ILE E 2 7.19 -9.62 -24.80
N VAL E 3 6.94 -9.04 -25.98
CA VAL E 3 7.80 -9.14 -27.15
C VAL E 3 9.30 -8.89 -27.00
N LEU E 4 10.08 -9.65 -27.77
CA LEU E 4 11.54 -9.54 -27.78
C LEU E 4 11.99 -9.38 -29.24
N THR E 5 12.61 -8.24 -29.54
CA THR E 5 13.09 -7.94 -30.89
C THR E 5 14.60 -8.14 -31.00
N GLN E 6 15.04 -9.07 -31.84
CA GLN E 6 16.48 -9.28 -31.99
C GLN E 6 17.03 -8.50 -33.15
N SER E 7 18.07 -7.73 -32.86
CA SER E 7 18.71 -6.88 -33.85
C SER E 7 18.92 -7.44 -35.25
N PRO E 8 20.06 -8.15 -35.55
CA PRO E 8 20.10 -8.59 -36.95
C PRO E 8 19.64 -10.01 -37.26
N ALA E 9 19.14 -10.19 -38.47
CA ALA E 9 18.69 -11.50 -38.95
C ALA E 9 19.91 -12.42 -39.02
N SER E 10 21.00 -11.88 -39.54
CA SER E 10 22.24 -12.60 -39.69
C SER E 10 23.41 -11.66 -39.40
N LEU E 11 24.58 -12.24 -39.19
CA LEU E 11 25.77 -11.48 -38.86
C LEU E 11 26.96 -12.37 -39.14
N ALA E 12 27.85 -11.94 -40.04
CA ALA E 12 29.05 -12.71 -40.39
C ALA E 12 30.24 -12.27 -39.56
N VAL E 13 30.64 -13.06 -38.59
CA VAL E 13 31.78 -12.68 -37.77
C VAL E 13 33.07 -13.38 -38.15
N SER E 14 34.06 -12.62 -38.61
CA SER E 14 35.33 -13.21 -38.97
C SER E 14 35.91 -13.92 -37.74
N LEU E 15 36.67 -14.98 -37.98
CA LEU E 15 37.29 -15.75 -36.91
C LEU E 15 38.05 -14.79 -35.99
N GLY E 16 38.27 -15.19 -34.76
CA GLY E 16 39.00 -14.36 -33.81
C GLY E 16 38.35 -13.05 -33.36
N GLN E 17 37.36 -12.57 -34.11
CA GLN E 17 36.69 -11.33 -33.77
C GLN E 17 35.51 -11.47 -32.83
N ARG E 18 34.81 -10.36 -32.61
CA ARG E 18 33.68 -10.33 -31.70
C ARG E 18 32.28 -10.18 -32.33
N ALA E 19 31.42 -11.16 -32.06
CA ALA E 19 30.05 -11.17 -32.56
C ALA E 19 29.18 -10.48 -31.55
N THR E 20 28.35 -9.56 -32.00
CA THR E 20 27.47 -8.88 -31.08
C THR E 20 26.04 -8.83 -31.60
N ILE E 21 25.17 -9.54 -30.91
CA ILE E 21 23.76 -9.58 -31.26
C ILE E 21 23.02 -8.96 -30.08
N SER E 22 21.87 -8.35 -30.35
CA SER E 22 21.12 -7.74 -29.26
C SER E 22 19.65 -8.15 -29.26
N CYS E 23 19.07 -8.12 -28.08
CA CYS E 23 17.68 -8.49 -27.83
C CYS E 23 17.03 -7.33 -27.08
N ARG E 24 15.91 -6.82 -27.58
CA ARG E 24 15.23 -5.73 -26.91
C ARG E 24 13.76 -6.10 -26.60
N ALA E 25 13.46 -6.15 -25.32
CA ALA E 25 12.13 -6.49 -24.86
C ALA E 25 11.19 -5.28 -24.88
N SER E 26 9.90 -5.51 -25.05
CA SER E 26 8.95 -4.41 -25.04
C SER E 26 8.86 -3.87 -23.61
N GLU E 27 9.29 -4.68 -22.65
CA GLU E 27 9.24 -4.31 -21.23
C GLU E 27 10.51 -4.68 -20.53
N SER E 28 10.66 -4.18 -19.31
CA SER E 28 11.85 -4.44 -18.52
C SER E 28 11.74 -5.81 -17.89
N VAL E 29 12.65 -6.70 -18.25
CA VAL E 29 12.66 -8.04 -17.70
C VAL E 29 13.42 -8.05 -16.38
N ASP E 30 13.17 -7.06 -15.54
CA ASP E 30 13.83 -6.96 -14.25
C ASP E 30 12.91 -7.35 -13.11
N ASN E 31 13.49 -7.77 -12.01
CA ASN E 31 12.71 -8.13 -10.82
C ASN E 31 13.67 -8.50 -9.72
N TYR E 32 13.48 -7.88 -8.57
CA TYR E 32 14.30 -8.11 -7.38
C TYR E 32 15.79 -8.04 -7.69
N GLY E 33 16.14 -7.01 -8.46
CA GLY E 33 17.52 -6.79 -8.84
C GLY E 33 18.07 -7.89 -9.73
N ILE E 34 17.26 -8.35 -10.67
CA ILE E 34 17.68 -9.40 -11.59
C ILE E 34 17.04 -9.23 -12.97
N SER E 35 17.88 -9.22 -13.98
CA SER E 35 17.43 -9.09 -15.36
C SER E 35 17.25 -10.51 -15.90
N PHE E 36 16.00 -10.93 -16.05
CA PHE E 36 15.70 -12.26 -16.53
C PHE E 36 15.65 -12.36 -18.04
N MET E 37 16.82 -12.25 -18.67
CA MET E 37 16.93 -12.35 -20.13
C MET E 37 17.94 -13.45 -20.34
N ASN E 38 17.53 -14.52 -21.02
CA ASN E 38 18.40 -15.66 -21.24
C ASN E 38 18.80 -15.79 -22.70
N TRP E 39 19.99 -16.31 -22.95
CA TRP E 39 20.50 -16.47 -24.32
C TRP E 39 20.81 -17.93 -24.62
N PHE E 40 20.30 -18.41 -25.76
CA PHE E 40 20.48 -19.79 -26.22
C PHE E 40 21.10 -19.83 -27.61
N GLN E 41 21.73 -20.96 -27.95
CA GLN E 41 22.33 -21.13 -29.26
C GLN E 41 21.74 -22.42 -29.80
N GLN E 42 21.67 -22.57 -31.12
CA GLN E 42 21.10 -23.78 -31.70
C GLN E 42 21.76 -24.21 -33.01
N LYS E 43 22.27 -25.44 -33.03
CA LYS E 43 22.89 -26.00 -34.21
C LYS E 43 21.79 -26.73 -34.97
N PRO E 44 21.77 -26.61 -36.30
CA PRO E 44 20.74 -27.27 -37.11
C PRO E 44 20.59 -28.75 -36.80
N GLY E 45 19.35 -29.14 -36.48
CA GLY E 45 19.04 -30.51 -36.16
C GLY E 45 18.86 -30.82 -34.68
N GLN E 46 19.52 -30.06 -33.81
CA GLN E 46 19.41 -30.32 -32.40
C GLN E 46 18.61 -29.27 -31.67
N PRO E 47 18.27 -29.51 -30.40
CA PRO E 47 17.51 -28.56 -29.59
C PRO E 47 18.42 -27.43 -29.10
N PRO E 48 17.85 -26.32 -28.61
CA PRO E 48 18.60 -25.16 -28.11
C PRO E 48 19.62 -25.53 -27.02
N LYS E 49 20.45 -24.54 -26.66
CA LYS E 49 21.48 -24.72 -25.65
C LYS E 49 21.61 -23.40 -24.90
N LEU E 50 21.44 -23.42 -23.59
CA LEU E 50 21.55 -22.22 -22.79
C LEU E 50 23.01 -21.79 -22.74
N LEU E 51 23.27 -20.53 -23.06
CA LEU E 51 24.60 -19.99 -23.02
C LEU E 51 24.69 -19.12 -21.76
N ILE E 52 23.79 -18.14 -21.69
CA ILE E 52 23.74 -17.18 -20.59
C ILE E 52 22.37 -17.07 -19.91
N TYR E 53 22.34 -17.16 -18.59
CA TYR E 53 21.09 -17.00 -17.82
C TYR E 53 21.24 -15.77 -16.94
N ALA E 54 20.13 -15.10 -16.66
CA ALA E 54 20.16 -13.89 -15.84
C ALA E 54 20.91 -12.71 -16.51
N ALA E 55 20.76 -12.61 -17.83
CA ALA E 55 21.36 -11.57 -18.64
C ALA E 55 22.88 -11.57 -18.76
N SER E 56 23.57 -12.01 -17.72
CA SER E 56 25.03 -12.01 -17.76
C SER E 56 25.69 -13.21 -17.10
N ASN E 57 24.89 -14.15 -16.59
CA ASN E 57 25.46 -15.30 -15.93
C ASN E 57 25.67 -16.47 -16.87
N LEU E 58 26.94 -16.77 -17.14
CA LEU E 58 27.32 -17.85 -18.03
C LEU E 58 26.84 -19.15 -17.44
N GLY E 59 26.31 -20.02 -18.30
CA GLY E 59 25.84 -21.31 -17.83
C GLY E 59 26.96 -22.30 -17.61
N SER E 60 26.61 -23.49 -17.10
CA SER E 60 27.59 -24.53 -16.85
C SER E 60 27.98 -25.21 -18.14
N GLY E 61 29.28 -25.31 -18.39
CA GLY E 61 29.76 -25.93 -19.60
C GLY E 61 29.62 -25.03 -20.81
N VAL E 62 29.69 -23.73 -20.58
CA VAL E 62 29.61 -22.76 -21.67
C VAL E 62 30.96 -22.05 -21.61
N PRO E 63 31.73 -22.12 -22.71
CA PRO E 63 33.04 -21.47 -22.71
C PRO E 63 32.98 -19.99 -22.35
N ALA E 64 34.00 -19.49 -21.67
CA ALA E 64 34.05 -18.10 -21.28
C ALA E 64 33.93 -17.18 -22.50
N ARG E 65 34.21 -17.70 -23.67
CA ARG E 65 34.16 -16.93 -24.90
C ARG E 65 32.82 -16.22 -25.08
N PHE E 66 31.76 -16.80 -24.54
CA PHE E 66 30.43 -16.22 -24.64
C PHE E 66 30.20 -15.35 -23.42
N SER E 67 29.71 -14.13 -23.65
CA SER E 67 29.46 -13.18 -22.57
C SER E 67 28.09 -12.56 -22.73
N GLY E 68 27.52 -12.15 -21.61
CA GLY E 68 26.21 -11.54 -21.64
C GLY E 68 26.26 -10.17 -21.00
N SER E 69 25.32 -9.31 -21.38
CA SER E 69 25.24 -7.95 -20.86
C SER E 69 23.86 -7.38 -21.18
N GLY E 70 23.37 -6.49 -20.32
CA GLY E 70 22.06 -5.91 -20.54
C GLY E 70 21.31 -5.69 -19.24
N SER E 71 20.19 -4.99 -19.33
CA SER E 71 19.39 -4.69 -18.16
C SER E 71 18.06 -4.09 -18.59
N GLY E 72 16.99 -4.47 -17.90
CA GLY E 72 15.69 -3.94 -18.20
C GLY E 72 15.13 -4.23 -19.57
N THR E 73 15.44 -3.38 -20.54
CA THR E 73 14.92 -3.55 -21.89
C THR E 73 15.93 -3.94 -22.98
N ASP E 74 17.19 -3.50 -22.83
CA ASP E 74 18.22 -3.83 -23.81
C ASP E 74 19.27 -4.79 -23.27
N PHE E 75 19.55 -5.81 -24.08
CA PHE E 75 20.51 -6.86 -23.74
C PHE E 75 21.35 -7.23 -24.95
N SER E 76 22.49 -7.87 -24.70
CA SER E 76 23.38 -8.26 -25.76
C SER E 76 24.23 -9.48 -25.44
N LEU E 77 24.29 -10.40 -26.41
CA LEU E 77 25.08 -11.62 -26.30
C LEU E 77 26.28 -11.23 -27.13
N ASN E 78 27.45 -11.35 -26.53
CA ASN E 78 28.72 -10.98 -27.13
C ASN E 78 29.63 -12.19 -27.20
N ILE E 79 30.00 -12.60 -28.41
CA ILE E 79 30.90 -13.74 -28.60
C ILE E 79 32.28 -13.17 -28.95
N HIS E 80 33.33 -13.67 -28.30
CA HIS E 80 34.70 -13.23 -28.58
C HIS E 80 35.64 -14.07 -27.76
N PRO E 81 36.63 -14.72 -28.38
CA PRO E 81 36.95 -14.74 -29.82
C PRO E 81 36.13 -15.78 -30.56
N MET E 82 35.53 -15.32 -31.65
CA MET E 82 34.71 -16.11 -32.54
C MET E 82 35.54 -17.23 -33.12
N GLU E 83 35.05 -18.45 -32.97
CA GLU E 83 35.73 -19.63 -33.49
C GLU E 83 34.74 -20.36 -34.38
N GLU E 84 35.26 -21.04 -35.39
CA GLU E 84 34.47 -21.77 -36.38
C GLU E 84 33.19 -22.46 -35.96
N GLU E 85 33.29 -23.36 -35.01
CA GLU E 85 32.13 -24.12 -34.57
C GLU E 85 30.94 -23.29 -34.15
N ASP E 86 31.14 -21.99 -33.97
CA ASP E 86 30.06 -21.12 -33.54
C ASP E 86 28.98 -20.78 -34.56
N THR E 87 29.03 -21.39 -35.73
CA THR E 87 28.00 -21.14 -36.70
C THR E 87 26.79 -21.83 -36.08
N ALA E 88 25.78 -21.03 -35.72
CA ALA E 88 24.57 -21.55 -35.10
C ALA E 88 23.53 -20.44 -35.12
N MET E 89 22.33 -20.75 -34.63
CA MET E 89 21.27 -19.75 -34.58
C MET E 89 21.22 -19.34 -33.12
N TYR E 90 21.00 -18.07 -32.86
CA TYR E 90 20.94 -17.61 -31.49
C TYR E 90 19.62 -16.92 -31.18
N PHE E 91 19.04 -17.27 -30.04
CA PHE E 91 17.77 -16.70 -29.61
C PHE E 91 17.93 -16.19 -28.18
N CYS E 92 17.04 -15.30 -27.78
CA CYS E 92 17.05 -14.77 -26.44
C CYS E 92 15.64 -14.97 -25.95
N GLN E 93 15.47 -15.36 -24.70
CA GLN E 93 14.11 -15.55 -24.18
C GLN E 93 13.99 -14.92 -22.81
N GLN E 94 12.86 -14.27 -22.57
CA GLN E 94 12.62 -13.63 -21.28
C GLN E 94 11.98 -14.57 -20.28
N SER E 95 12.65 -14.85 -19.18
CA SER E 95 12.07 -15.75 -18.18
C SER E 95 11.53 -14.85 -17.11
N LYS E 96 10.65 -13.94 -17.49
CA LYS E 96 10.08 -13.00 -16.53
C LYS E 96 8.56 -13.07 -16.43
N GLU E 97 7.84 -12.95 -17.54
CA GLU E 97 6.39 -13.00 -17.47
C GLU E 97 5.92 -14.39 -17.82
N VAL E 98 4.75 -14.79 -17.30
CA VAL E 98 4.23 -16.13 -17.55
C VAL E 98 4.32 -16.63 -18.98
N PRO E 99 4.03 -15.76 -19.97
CA PRO E 99 4.15 -16.32 -21.31
C PRO E 99 5.58 -16.01 -21.70
N LEU E 100 6.49 -16.95 -21.43
CA LEU E 100 7.90 -16.78 -21.77
C LEU E 100 7.96 -16.59 -23.28
N THR E 101 8.75 -15.63 -23.73
CA THR E 101 8.85 -15.38 -25.16
C THR E 101 10.27 -15.49 -25.62
N PHE E 102 10.44 -15.81 -26.90
CA PHE E 102 11.74 -15.96 -27.52
C PHE E 102 11.94 -14.92 -28.63
N GLY E 103 13.20 -14.65 -28.95
CA GLY E 103 13.50 -13.69 -30.00
C GLY E 103 13.43 -14.42 -31.33
N ALA E 104 13.27 -13.68 -32.42
CA ALA E 104 13.18 -14.28 -33.74
C ALA E 104 14.50 -14.91 -34.11
N GLY E 105 15.50 -14.66 -33.28
CA GLY E 105 16.80 -15.22 -33.52
C GLY E 105 17.71 -14.45 -34.46
N THR E 106 19.01 -14.72 -34.32
CA THR E 106 20.03 -14.12 -35.14
C THR E 106 20.82 -15.29 -35.67
N LYS E 107 21.24 -15.18 -36.91
CA LYS E 107 22.02 -16.22 -37.56
C LYS E 107 23.47 -15.71 -37.64
N VAL E 108 24.28 -16.09 -36.65
CA VAL E 108 25.68 -15.68 -36.62
C VAL E 108 26.55 -16.67 -37.41
N GLU E 109 26.92 -16.25 -38.62
CA GLU E 109 27.74 -17.05 -39.52
C GLU E 109 29.19 -16.59 -39.43
N LEU E 110 30.11 -17.51 -39.60
CA LEU E 110 31.52 -17.16 -39.55
C LEU E 110 32.00 -16.68 -40.91
N LYS E 111 32.68 -15.54 -40.95
CA LYS E 111 33.18 -14.97 -42.20
C LYS E 111 34.55 -15.53 -42.61
N ARG E 112 34.53 -16.47 -43.56
CA ARG E 112 35.74 -17.08 -44.08
C ARG E 112 36.04 -16.40 -45.40
N ALA E 113 37.25 -16.58 -45.92
CA ALA E 113 37.62 -15.97 -47.18
C ALA E 113 36.68 -16.51 -48.23
N ASP E 114 36.44 -15.73 -49.27
CA ASP E 114 35.53 -16.14 -50.34
C ASP E 114 36.07 -17.42 -50.98
N ALA E 115 35.18 -18.23 -51.52
CA ALA E 115 35.57 -19.47 -52.16
C ALA E 115 34.62 -19.72 -53.31
N ALA E 116 35.17 -20.19 -54.42
CA ALA E 116 34.38 -20.43 -55.62
C ALA E 116 33.62 -21.76 -55.58
N PRO E 117 32.35 -21.73 -56.00
CA PRO E 117 31.51 -22.92 -56.03
C PRO E 117 31.99 -23.97 -57.00
N THR E 118 32.27 -25.15 -56.48
CA THR E 118 32.72 -26.28 -57.27
C THR E 118 31.50 -26.87 -58.00
N VAL E 119 31.11 -26.22 -59.07
CA VAL E 119 29.95 -26.64 -59.83
C VAL E 119 30.25 -27.96 -60.54
N SER E 120 29.22 -28.78 -60.67
CA SER E 120 29.30 -30.07 -61.34
C SER E 120 27.86 -30.50 -61.65
N ILE E 121 27.57 -30.67 -62.94
CA ILE E 121 26.24 -31.05 -63.41
C ILE E 121 26.14 -32.53 -63.80
N PHE E 122 24.94 -33.08 -63.63
CA PHE E 122 24.66 -34.48 -63.93
C PHE E 122 23.40 -34.62 -64.77
N PRO E 123 23.44 -35.48 -65.80
CA PRO E 123 22.31 -35.75 -66.70
C PRO E 123 21.36 -36.72 -66.03
N PRO E 124 20.10 -36.79 -66.50
CA PRO E 124 19.14 -37.72 -65.90
C PRO E 124 19.54 -39.14 -66.20
N SER E 125 19.76 -39.92 -65.16
CA SER E 125 20.14 -41.31 -65.34
C SER E 125 19.09 -42.06 -66.16
N SER E 126 19.55 -43.04 -66.90
CA SER E 126 18.72 -43.89 -67.75
C SER E 126 17.40 -44.25 -67.08
N GLU E 127 17.52 -44.69 -65.83
CA GLU E 127 16.39 -45.10 -65.02
C GLU E 127 15.33 -44.04 -64.81
N GLN E 128 15.73 -42.79 -64.58
CA GLN E 128 14.74 -41.74 -64.39
C GLN E 128 13.96 -41.52 -65.68
N LEU E 129 14.68 -41.61 -66.81
CA LEU E 129 14.07 -41.44 -68.11
C LEU E 129 13.03 -42.53 -68.42
N THR E 130 13.34 -43.77 -68.07
CA THR E 130 12.40 -44.88 -68.29
C THR E 130 11.20 -44.65 -67.39
N SER E 131 11.45 -43.95 -66.30
CA SER E 131 10.40 -43.63 -65.36
C SER E 131 9.49 -42.56 -65.98
N GLY E 132 9.82 -42.15 -67.20
CA GLY E 132 9.04 -41.16 -67.91
C GLY E 132 9.40 -39.74 -67.53
N GLY E 133 10.35 -39.61 -66.61
CA GLY E 133 10.79 -38.31 -66.15
C GLY E 133 12.27 -38.06 -66.39
N ALA E 134 12.71 -36.83 -66.15
CA ALA E 134 14.11 -36.49 -66.35
C ALA E 134 14.45 -35.21 -65.61
N SER E 135 15.43 -35.32 -64.73
CA SER E 135 15.89 -34.20 -63.93
C SER E 135 17.40 -34.13 -64.02
N VAL E 136 17.91 -32.95 -64.39
CA VAL E 136 19.33 -32.69 -64.53
C VAL E 136 19.81 -32.08 -63.20
N VAL E 137 20.57 -32.85 -62.43
CA VAL E 137 21.04 -32.41 -61.12
C VAL E 137 22.39 -31.69 -61.15
N CYS E 138 22.44 -30.51 -60.54
CA CYS E 138 23.66 -29.71 -60.49
C CYS E 138 24.08 -29.39 -59.06
N PHE E 139 25.36 -29.60 -58.75
CA PHE E 139 25.91 -29.33 -57.43
C PHE E 139 26.86 -28.12 -57.44
N LEU E 140 26.54 -27.11 -56.63
CA LEU E 140 27.37 -25.91 -56.49
C LEU E 140 27.93 -26.07 -55.08
N ASN E 141 29.03 -26.79 -54.93
CA ASN E 141 29.55 -27.05 -53.58
C ASN E 141 30.70 -26.22 -53.02
N ASN E 142 30.79 -26.21 -51.69
CA ASN E 142 31.85 -25.53 -50.95
C ASN E 142 32.06 -24.05 -51.22
N PHE E 143 31.02 -23.31 -51.60
CA PHE E 143 31.21 -21.89 -51.89
C PHE E 143 31.00 -20.94 -50.71
N TYR E 144 31.41 -19.70 -50.88
CA TYR E 144 31.24 -18.66 -49.88
C TYR E 144 31.52 -17.33 -50.58
N PRO E 145 30.67 -16.32 -50.37
CA PRO E 145 29.45 -16.19 -49.56
C PRO E 145 28.26 -17.06 -49.93
N LYS E 146 27.26 -17.04 -49.06
CA LYS E 146 25.99 -17.77 -49.18
C LYS E 146 25.26 -17.46 -50.48
N ASP E 147 25.39 -16.21 -50.91
CA ASP E 147 24.73 -15.73 -52.11
C ASP E 147 25.29 -16.29 -53.42
N ILE E 148 24.49 -17.10 -54.09
CA ILE E 148 24.87 -17.67 -55.38
C ILE E 148 23.62 -17.69 -56.25
N ASN E 149 23.80 -17.40 -57.54
CA ASN E 149 22.69 -17.36 -58.47
C ASN E 149 22.93 -18.40 -59.54
N VAL E 150 22.20 -19.51 -59.49
CA VAL E 150 22.37 -20.52 -60.51
C VAL E 150 21.34 -20.20 -61.59
N LYS E 151 21.59 -20.68 -62.81
CA LYS E 151 20.70 -20.45 -63.94
C LYS E 151 20.94 -21.54 -64.97
N TRP E 152 19.87 -22.02 -65.60
CA TRP E 152 19.96 -23.08 -66.61
C TRP E 152 19.94 -22.55 -68.04
N LYS E 153 20.50 -23.31 -68.96
CA LYS E 153 20.54 -22.92 -70.37
C LYS E 153 20.25 -24.13 -71.27
N ILE E 154 18.96 -24.39 -71.48
CA ILE E 154 18.56 -25.51 -72.33
C ILE E 154 18.88 -25.13 -73.77
N ASP E 155 19.92 -25.77 -74.31
CA ASP E 155 20.40 -25.53 -75.67
C ASP E 155 20.79 -24.08 -75.88
N GLY E 156 21.05 -23.37 -74.78
CA GLY E 156 21.38 -21.96 -74.87
C GLY E 156 20.24 -21.08 -74.40
N SER E 157 18.99 -21.58 -74.50
CA SER E 157 17.83 -20.83 -74.05
C SER E 157 17.68 -20.97 -72.54
N GLU E 158 17.61 -19.83 -71.87
CA GLU E 158 17.50 -19.78 -70.41
C GLU E 158 16.26 -20.43 -69.80
N ARG E 159 16.42 -21.69 -69.39
CA ARG E 159 15.36 -22.43 -68.74
C ARG E 159 15.29 -22.00 -67.30
N GLN E 160 14.12 -21.55 -66.87
CA GLN E 160 13.93 -21.09 -65.49
C GLN E 160 12.69 -21.71 -64.88
N ASN E 161 12.02 -22.57 -65.62
CA ASN E 161 10.83 -23.21 -65.08
C ASN E 161 11.11 -24.68 -64.86
N GLY E 162 10.69 -25.19 -63.70
CA GLY E 162 10.92 -26.58 -63.39
C GLY E 162 12.31 -26.75 -62.82
N VAL E 163 12.64 -25.93 -61.82
CA VAL E 163 13.95 -25.99 -61.17
C VAL E 163 13.76 -25.67 -59.69
N LEU E 164 14.19 -26.59 -58.85
CA LEU E 164 14.08 -26.44 -57.41
C LEU E 164 15.46 -26.27 -56.80
N ASN E 165 15.53 -25.69 -55.62
CA ASN E 165 16.83 -25.47 -54.98
C ASN E 165 16.84 -25.82 -53.52
N SER E 166 18.01 -26.20 -53.04
CA SER E 166 18.18 -26.52 -51.65
C SER E 166 19.60 -26.16 -51.34
N TRP E 167 19.79 -25.56 -50.18
CA TRP E 167 21.11 -25.13 -49.73
C TRP E 167 21.49 -25.95 -48.51
N THR E 168 22.73 -25.82 -48.10
CA THR E 168 23.19 -26.52 -46.93
C THR E 168 23.52 -25.45 -45.91
N ASP E 169 23.51 -25.86 -44.66
CA ASP E 169 23.82 -24.98 -43.55
C ASP E 169 25.33 -24.75 -43.62
N GLN E 170 25.80 -23.62 -43.09
CA GLN E 170 27.23 -23.35 -43.13
C GLN E 170 27.96 -24.45 -42.40
N ASP E 171 28.89 -25.09 -43.10
CA ASP E 171 29.67 -26.19 -42.55
C ASP E 171 30.53 -25.74 -41.38
N SER E 172 30.12 -26.11 -40.16
CA SER E 172 30.85 -25.76 -38.94
C SER E 172 32.19 -26.48 -38.88
N LYS E 173 33.05 -26.18 -39.84
CA LYS E 173 34.37 -26.76 -39.96
C LYS E 173 35.12 -25.96 -41.02
N ASP E 174 34.69 -26.05 -42.26
CA ASP E 174 35.33 -25.30 -43.34
C ASP E 174 34.53 -24.05 -43.75
N SER E 175 33.56 -23.72 -42.91
CA SER E 175 32.70 -22.56 -43.06
C SER E 175 32.09 -22.27 -44.42
N THR E 176 32.10 -23.24 -45.32
CA THR E 176 31.53 -23.03 -46.65
C THR E 176 30.05 -23.41 -46.72
N TYR E 177 29.42 -23.04 -47.83
CA TYR E 177 28.01 -23.32 -48.10
C TYR E 177 27.94 -24.25 -49.32
N SER E 178 26.87 -25.00 -49.45
CA SER E 178 26.74 -25.91 -50.57
C SER E 178 25.29 -26.09 -50.94
N MET E 179 24.98 -25.95 -52.22
CA MET E 179 23.61 -26.09 -52.67
C MET E 179 23.50 -26.98 -53.89
N SER E 180 22.30 -27.09 -54.42
CA SER E 180 22.04 -27.90 -55.58
C SER E 180 20.83 -27.38 -56.34
N SER E 181 20.92 -27.40 -57.66
CA SER E 181 19.82 -26.95 -58.49
C SER E 181 19.41 -28.20 -59.24
N THR E 182 18.10 -28.44 -59.33
CA THR E 182 17.58 -29.61 -60.01
C THR E 182 16.52 -29.24 -61.02
N LEU E 183 16.90 -29.27 -62.29
CA LEU E 183 15.96 -28.99 -63.37
C LEU E 183 15.21 -30.29 -63.64
N THR E 184 13.89 -30.23 -63.56
CA THR E 184 13.06 -31.39 -63.81
C THR E 184 12.18 -31.11 -65.02
N LEU E 185 11.94 -32.15 -65.80
CA LEU E 185 11.13 -32.06 -66.99
C LEU E 185 10.68 -33.47 -67.37
N THR E 186 10.10 -33.60 -68.56
CA THR E 186 9.63 -34.88 -69.07
C THR E 186 10.71 -35.51 -69.93
N LYS E 187 10.76 -36.84 -69.98
CA LYS E 187 11.75 -37.53 -70.82
C LYS E 187 11.68 -36.90 -72.20
N ASP E 188 10.45 -36.67 -72.65
CA ASP E 188 10.15 -36.05 -73.94
C ASP E 188 10.90 -34.73 -74.04
N GLU E 189 10.61 -33.85 -73.08
CA GLU E 189 11.24 -32.53 -73.02
C GLU E 189 12.74 -32.70 -73.15
N TYR E 190 13.30 -33.63 -72.38
CA TYR E 190 14.72 -33.89 -72.39
C TYR E 190 15.21 -34.22 -73.80
N GLU E 191 14.49 -35.11 -74.48
CA GLU E 191 14.85 -35.52 -75.83
C GLU E 191 14.58 -34.43 -76.86
N ARG E 192 13.68 -33.51 -76.52
CA ARG E 192 13.35 -32.39 -77.40
C ARG E 192 14.46 -31.33 -77.38
N HIS E 193 15.55 -31.62 -76.66
CA HIS E 193 16.68 -30.68 -76.55
C HIS E 193 17.99 -31.43 -76.77
N ASN E 194 19.12 -30.75 -76.57
CA ASN E 194 20.42 -31.38 -76.75
C ASN E 194 21.45 -31.01 -75.69
N SER E 195 21.88 -29.76 -75.71
CA SER E 195 22.86 -29.27 -74.75
C SER E 195 22.20 -28.71 -73.48
N TYR E 196 22.87 -28.86 -72.34
CA TYR E 196 22.35 -28.37 -71.07
C TYR E 196 23.44 -27.68 -70.27
N THR E 197 23.08 -26.59 -69.59
CA THR E 197 24.05 -25.83 -68.83
C THR E 197 23.59 -25.30 -67.49
N CYS E 198 24.40 -25.58 -66.46
CA CYS E 198 24.14 -25.10 -65.11
C CYS E 198 25.06 -23.89 -65.11
N GLU E 199 24.51 -22.73 -64.78
CA GLU E 199 25.27 -21.50 -64.78
C GLU E 199 25.14 -20.75 -63.45
N ALA E 200 26.26 -20.45 -62.82
CA ALA E 200 26.25 -19.73 -61.54
C ALA E 200 27.07 -18.45 -61.58
N THR E 201 26.54 -17.40 -60.96
CA THR E 201 27.21 -16.12 -60.86
C THR E 201 27.48 -15.94 -59.37
N HIS E 202 28.76 -15.84 -58.99
CA HIS E 202 29.13 -15.71 -57.59
C HIS E 202 30.41 -14.91 -57.49
N LYS E 203 30.37 -13.84 -56.69
CA LYS E 203 31.50 -12.92 -56.46
C LYS E 203 32.93 -13.44 -56.69
N THR E 204 33.16 -14.74 -56.44
CA THR E 204 34.48 -15.31 -56.63
C THR E 204 34.89 -15.35 -58.10
N SER E 205 34.04 -14.84 -58.97
CA SER E 205 34.32 -14.78 -60.39
C SER E 205 33.19 -13.98 -61.04
N THR E 206 33.56 -12.94 -61.77
CA THR E 206 32.59 -12.08 -62.43
C THR E 206 31.90 -12.83 -63.56
N SER E 207 32.67 -13.66 -64.24
CA SER E 207 32.15 -14.44 -65.34
C SER E 207 31.37 -15.65 -64.83
N PRO E 208 30.34 -16.07 -65.58
CA PRO E 208 29.51 -17.22 -65.20
C PRO E 208 30.32 -18.50 -65.06
N ILE E 209 30.25 -19.10 -63.87
CA ILE E 209 30.93 -20.36 -63.60
C ILE E 209 29.91 -21.35 -64.10
N VAL E 210 30.24 -22.08 -65.16
CA VAL E 210 29.28 -23.00 -65.75
C VAL E 210 29.75 -24.43 -66.01
N LYS E 211 28.79 -25.36 -66.00
CA LYS E 211 29.04 -26.76 -66.28
C LYS E 211 27.94 -27.19 -67.23
N SER E 212 28.30 -27.99 -68.21
CA SER E 212 27.33 -28.41 -69.19
C SER E 212 27.62 -29.78 -69.79
N PHE E 213 26.68 -30.24 -70.61
CA PHE E 213 26.77 -31.53 -71.29
C PHE E 213 25.73 -31.51 -72.40
N ASN E 214 25.99 -32.27 -73.46
CA ASN E 214 25.07 -32.39 -74.57
C ASN E 214 24.64 -33.84 -74.47
N ARG E 215 23.35 -34.11 -74.68
CA ARG E 215 22.81 -35.47 -74.58
C ARG E 215 23.68 -36.49 -75.31
N ASN E 216 24.11 -36.11 -76.51
CA ASN E 216 24.95 -36.95 -77.37
C ASN E 216 26.16 -37.53 -76.65
N GLU E 217 26.38 -38.83 -76.83
CA GLU E 217 27.51 -39.55 -76.21
C GLU E 217 28.08 -40.57 -77.21
N GLN F 1 22.14 -37.32 -15.70
CA GLN F 1 21.59 -38.11 -16.84
C GLN F 1 20.06 -38.06 -16.82
N VAL F 2 19.53 -36.87 -16.58
CA VAL F 2 18.08 -36.73 -16.60
C VAL F 2 17.81 -36.91 -18.08
N GLN F 3 16.84 -37.74 -18.44
CA GLN F 3 16.57 -37.96 -19.83
C GLN F 3 15.17 -37.54 -20.19
N LEU F 4 15.06 -36.66 -21.17
CA LEU F 4 13.75 -36.25 -21.61
C LEU F 4 13.66 -36.90 -22.97
N GLN F 5 13.08 -38.09 -22.99
CA GLN F 5 12.93 -38.85 -24.23
C GLN F 5 11.52 -38.71 -24.82
N GLN F 6 11.44 -38.35 -26.10
CA GLN F 6 10.16 -38.19 -26.77
C GLN F 6 10.24 -38.67 -28.22
N PRO F 7 9.14 -39.24 -28.77
CA PRO F 7 9.04 -39.78 -30.13
C PRO F 7 9.80 -39.02 -31.21
N GLY F 8 10.44 -39.77 -32.10
CA GLY F 8 11.21 -39.14 -33.15
C GLY F 8 10.33 -38.29 -34.03
N SER F 9 9.39 -38.91 -34.70
CA SER F 9 8.50 -38.20 -35.59
C SER F 9 7.14 -38.82 -35.56
N VAL F 10 6.15 -38.09 -36.06
CA VAL F 10 4.76 -38.52 -36.11
C VAL F 10 4.09 -37.98 -37.37
N LEU F 11 3.24 -38.79 -38.00
CA LEU F 11 2.50 -38.39 -39.19
C LEU F 11 0.99 -38.54 -38.99
N VAL F 12 0.26 -37.44 -39.07
CA VAL F 12 -1.18 -37.51 -38.92
C VAL F 12 -1.83 -36.74 -40.06
N ARG F 13 -3.06 -37.10 -40.37
CA ARG F 13 -3.79 -36.41 -41.41
C ARG F 13 -4.52 -35.28 -40.70
N PRO F 14 -4.92 -34.23 -41.45
CA PRO F 14 -5.62 -33.07 -40.91
C PRO F 14 -6.94 -33.37 -40.23
N GLY F 15 -7.33 -32.47 -39.35
CA GLY F 15 -8.57 -32.61 -38.61
C GLY F 15 -8.45 -33.61 -37.49
N ALA F 16 -7.28 -34.23 -37.36
CA ALA F 16 -7.05 -35.21 -36.31
C ALA F 16 -6.48 -34.56 -35.06
N SER F 17 -5.86 -35.37 -34.23
CA SER F 17 -5.26 -34.90 -32.99
C SER F 17 -4.13 -35.88 -32.68
N VAL F 18 -3.22 -35.46 -31.81
CA VAL F 18 -2.13 -36.32 -31.42
C VAL F 18 -1.68 -35.95 -30.02
N LYS F 19 -1.27 -36.95 -29.27
CA LYS F 19 -0.82 -36.74 -27.91
C LYS F 19 0.66 -37.05 -27.94
N LEU F 20 1.46 -35.99 -27.93
CA LEU F 20 2.90 -36.14 -27.94
C LEU F 20 3.36 -36.47 -26.50
N SER F 21 4.44 -37.23 -26.38
CA SER F 21 4.93 -37.61 -25.07
C SER F 21 6.26 -36.96 -24.77
N CYS F 22 6.79 -37.24 -23.57
CA CYS F 22 8.06 -36.74 -23.07
C CYS F 22 8.31 -37.52 -21.78
N LYS F 23 8.77 -38.75 -21.93
CA LYS F 23 9.05 -39.65 -20.82
C LYS F 23 10.31 -39.22 -20.10
N ALA F 24 10.14 -38.51 -19.01
CA ALA F 24 11.28 -38.05 -18.22
C ALA F 24 11.92 -39.20 -17.46
N SER F 25 13.23 -39.11 -17.28
CA SER F 25 14.01 -40.13 -16.58
C SER F 25 15.19 -39.40 -15.94
N GLY F 26 15.87 -40.05 -15.00
CA GLY F 26 17.02 -39.43 -14.36
C GLY F 26 16.74 -38.64 -13.10
N TYR F 27 15.87 -37.63 -13.19
CA TYR F 27 15.52 -36.79 -12.04
C TYR F 27 14.10 -37.09 -11.53
N THR F 28 13.79 -36.66 -10.30
CA THR F 28 12.47 -36.89 -9.72
C THR F 28 11.42 -36.01 -10.40
N PHE F 29 10.73 -36.61 -11.35
CA PHE F 29 9.72 -35.95 -12.16
C PHE F 29 8.90 -34.83 -11.58
N THR F 30 8.42 -34.98 -10.35
CA THR F 30 7.57 -33.97 -9.73
C THR F 30 8.29 -32.73 -9.21
N SER F 31 9.61 -32.67 -9.40
CA SER F 31 10.43 -31.56 -8.93
C SER F 31 10.49 -30.32 -9.81
N SER F 32 10.44 -30.50 -11.11
CA SER F 32 10.55 -29.37 -12.05
C SER F 32 9.39 -29.26 -13.05
N TRP F 33 9.17 -28.05 -13.56
CA TRP F 33 8.11 -27.75 -14.53
C TRP F 33 8.50 -28.19 -15.93
N ILE F 34 7.65 -28.94 -16.61
CA ILE F 34 7.94 -29.33 -17.98
C ILE F 34 7.36 -28.22 -18.87
N HIS F 35 8.12 -27.78 -19.87
CA HIS F 35 7.68 -26.74 -20.79
C HIS F 35 7.60 -27.40 -22.16
N TRP F 36 6.76 -26.86 -23.04
CA TRP F 36 6.64 -27.38 -24.40
C TRP F 36 6.85 -26.24 -25.37
N ALA F 37 7.68 -26.46 -26.38
CA ALA F 37 7.97 -25.43 -27.37
C ALA F 37 7.85 -25.99 -28.77
N LYS F 38 7.28 -25.18 -29.66
CA LYS F 38 7.06 -25.54 -31.06
C LYS F 38 7.95 -24.67 -31.93
N GLN F 39 8.54 -25.27 -32.95
CA GLN F 39 9.43 -24.55 -33.85
C GLN F 39 9.23 -25.09 -35.24
N ARG F 40 8.78 -24.23 -36.13
CA ARG F 40 8.55 -24.60 -37.51
C ARG F 40 9.91 -24.43 -38.23
N PRO F 41 10.30 -25.43 -39.04
CA PRO F 41 11.58 -25.37 -39.76
C PRO F 41 11.73 -24.01 -40.40
N GLY F 42 12.82 -23.33 -40.09
CA GLY F 42 13.03 -22.00 -40.61
C GLY F 42 12.15 -21.07 -39.80
N GLN F 43 12.39 -21.01 -38.49
CA GLN F 43 11.63 -20.16 -37.59
C GLN F 43 12.15 -20.32 -36.16
N GLY F 44 11.82 -19.38 -35.30
CA GLY F 44 12.29 -19.45 -33.93
C GLY F 44 11.43 -20.38 -33.10
N LEU F 45 11.52 -20.23 -31.78
CA LEU F 45 10.75 -21.06 -30.87
C LEU F 45 9.53 -20.34 -30.27
N GLU F 46 8.36 -20.98 -30.38
CA GLU F 46 7.13 -20.45 -29.79
C GLU F 46 6.99 -21.14 -28.44
N TRP F 47 6.37 -20.49 -27.48
CA TRP F 47 6.18 -21.12 -26.17
C TRP F 47 4.76 -21.65 -26.19
N ILE F 48 4.59 -22.95 -25.93
CA ILE F 48 3.25 -23.53 -25.92
C ILE F 48 2.69 -23.42 -24.53
N GLY F 49 3.54 -23.68 -23.55
CA GLY F 49 3.12 -23.60 -22.16
C GLY F 49 4.00 -24.44 -21.24
N GLU F 50 3.59 -24.56 -19.98
CA GLU F 50 4.33 -25.32 -18.98
C GLU F 50 3.36 -25.98 -17.99
N ILE F 51 3.82 -27.05 -17.32
CA ILE F 51 2.99 -27.78 -16.36
C ILE F 51 3.87 -28.33 -15.25
N HIS F 52 3.38 -28.32 -14.02
CA HIS F 52 4.15 -28.82 -12.89
C HIS F 52 3.58 -30.14 -12.41
N PRO F 53 4.34 -31.23 -12.59
CA PRO F 53 3.95 -32.59 -12.22
C PRO F 53 3.32 -32.83 -10.86
N ASN F 54 3.83 -32.19 -9.81
CA ASN F 54 3.24 -32.44 -8.50
C ASN F 54 2.05 -31.56 -8.17
N SER F 55 1.51 -30.86 -9.16
CA SER F 55 0.35 -29.99 -8.91
C SER F 55 -0.63 -29.82 -10.07
N GLY F 56 -0.21 -30.13 -11.28
CA GLY F 56 -1.09 -29.97 -12.41
C GLY F 56 -1.25 -28.53 -12.85
N ASN F 57 -0.66 -27.57 -12.12
CA ASN F 57 -0.78 -26.17 -12.52
C ASN F 57 -0.17 -26.02 -13.90
N THR F 58 -0.71 -25.11 -14.68
CA THR F 58 -0.20 -24.90 -16.01
C THR F 58 -0.18 -23.42 -16.31
N ASN F 59 0.46 -23.08 -17.41
CA ASN F 59 0.57 -21.72 -17.89
C ASN F 59 0.68 -21.95 -19.39
N TYR F 60 -0.39 -21.68 -20.14
CA TYR F 60 -0.32 -21.87 -21.59
C TYR F 60 -0.17 -20.53 -22.25
N ASN F 61 0.31 -20.53 -23.49
CA ASN F 61 0.45 -19.30 -24.25
C ASN F 61 -0.94 -19.05 -24.82
N GLU F 62 -1.44 -17.83 -24.68
CA GLU F 62 -2.77 -17.47 -25.19
C GLU F 62 -2.96 -17.92 -26.63
N LYS F 63 -1.90 -17.79 -27.44
CA LYS F 63 -1.97 -18.21 -28.83
C LYS F 63 -2.36 -19.66 -28.94
N PHE F 64 -1.69 -20.50 -28.15
CA PHE F 64 -1.94 -21.93 -28.14
C PHE F 64 -3.11 -22.37 -27.28
N LYS F 65 -3.68 -21.43 -26.54
CA LYS F 65 -4.83 -21.75 -25.72
C LYS F 65 -5.93 -22.17 -26.69
N GLY F 66 -6.37 -23.42 -26.60
CA GLY F 66 -7.41 -23.91 -27.49
C GLY F 66 -6.89 -25.00 -28.43
N LYS F 67 -5.60 -24.90 -28.77
CA LYS F 67 -4.94 -25.87 -29.65
C LYS F 67 -4.19 -26.96 -28.89
N ALA F 68 -3.40 -26.54 -27.90
CA ALA F 68 -2.61 -27.48 -27.12
C ALA F 68 -3.06 -27.57 -25.68
N THR F 69 -3.14 -28.79 -25.16
CA THR F 69 -3.53 -29.01 -23.76
C THR F 69 -2.41 -29.80 -23.06
N LEU F 70 -1.88 -29.24 -21.98
CA LEU F 70 -0.79 -29.89 -21.23
C LEU F 70 -1.24 -30.82 -20.11
N THR F 71 -0.75 -32.04 -20.13
CA THR F 71 -1.09 -33.05 -19.14
C THR F 71 0.18 -33.71 -18.60
N VAL F 72 0.02 -34.66 -17.69
CA VAL F 72 1.17 -35.35 -17.11
C VAL F 72 0.74 -36.73 -16.59
N ASP F 73 1.71 -37.54 -16.18
CA ASP F 73 1.40 -38.85 -15.64
C ASP F 73 2.51 -39.18 -14.66
N THR F 74 2.52 -38.46 -13.55
CA THR F 74 3.52 -38.62 -12.49
C THR F 74 3.89 -40.08 -12.23
N SER F 75 2.90 -40.95 -12.38
CA SER F 75 3.08 -42.38 -12.18
C SER F 75 4.19 -42.85 -13.11
N SER F 76 4.06 -42.53 -14.39
CA SER F 76 5.06 -42.94 -15.38
C SER F 76 5.91 -41.77 -15.92
N SER F 77 6.30 -40.86 -15.03
CA SER F 77 7.14 -39.72 -15.34
C SER F 77 7.02 -39.17 -16.77
N THR F 78 5.81 -38.96 -17.25
CA THR F 78 5.68 -38.47 -18.61
C THR F 78 4.73 -37.32 -18.81
N ALA F 79 5.22 -36.30 -19.49
CA ALA F 79 4.42 -35.12 -19.78
C ALA F 79 3.88 -35.29 -21.21
N TYR F 80 2.65 -34.81 -21.45
CA TYR F 80 2.02 -34.92 -22.77
C TYR F 80 1.48 -33.58 -23.19
N VAL F 81 1.23 -33.43 -24.48
CA VAL F 81 0.63 -32.22 -25.02
C VAL F 81 -0.33 -32.74 -26.07
N ASP F 82 -1.59 -32.39 -25.95
CA ASP F 82 -2.57 -32.87 -26.90
C ASP F 82 -2.94 -31.74 -27.84
N LEU F 83 -2.59 -31.94 -29.11
CA LEU F 83 -2.85 -30.95 -30.13
C LEU F 83 -4.17 -31.28 -30.81
N SER F 84 -5.14 -30.38 -30.70
CA SER F 84 -6.47 -30.57 -31.28
C SER F 84 -6.63 -30.00 -32.69
N SER F 85 -7.59 -30.54 -33.43
CA SER F 85 -7.90 -30.09 -34.79
C SER F 85 -6.65 -29.80 -35.60
N LEU F 86 -5.76 -30.79 -35.68
CA LEU F 86 -4.51 -30.65 -36.40
C LEU F 86 -4.66 -30.26 -37.87
N THR F 87 -3.87 -29.28 -38.28
CA THR F 87 -3.85 -28.80 -39.66
C THR F 87 -2.40 -28.68 -40.09
N SER F 88 -2.21 -28.36 -41.36
CA SER F 88 -0.88 -28.23 -41.93
C SER F 88 0.06 -27.35 -41.11
N GLU F 89 -0.48 -26.32 -40.47
CA GLU F 89 0.36 -25.40 -39.69
C GLU F 89 1.03 -26.09 -38.53
N ASP F 90 0.32 -27.01 -37.90
CA ASP F 90 0.83 -27.72 -36.74
C ASP F 90 2.13 -28.47 -37.02
N SER F 91 2.40 -28.71 -38.28
CA SER F 91 3.61 -29.43 -38.66
C SER F 91 4.89 -28.69 -38.27
N ALA F 92 5.45 -29.05 -37.12
CA ALA F 92 6.67 -28.42 -36.64
C ALA F 92 7.33 -29.34 -35.63
N VAL F 93 8.53 -28.99 -35.19
CA VAL F 93 9.26 -29.80 -34.21
C VAL F 93 8.79 -29.34 -32.84
N TYR F 94 8.37 -30.30 -32.02
CA TYR F 94 7.87 -30.02 -30.67
C TYR F 94 8.82 -30.49 -29.56
N TYR F 95 9.49 -29.54 -28.91
CA TYR F 95 10.43 -29.88 -27.83
C TYR F 95 9.75 -29.81 -26.48
N CYS F 96 10.25 -30.62 -25.55
CA CYS F 96 9.74 -30.63 -24.20
C CYS F 96 11.00 -30.33 -23.40
N ALA F 97 10.92 -29.31 -22.54
CA ALA F 97 12.07 -28.91 -21.76
C ALA F 97 11.77 -28.84 -20.28
N ARG F 98 12.79 -29.10 -19.48
CA ARG F 98 12.62 -29.05 -18.05
C ARG F 98 13.09 -27.70 -17.56
N TRP F 99 12.37 -27.15 -16.61
CA TRP F 99 12.69 -25.86 -16.00
C TRP F 99 13.28 -26.22 -14.65
N ARG F 100 14.57 -26.00 -14.45
CA ARG F 100 15.19 -26.41 -13.20
C ARG F 100 14.52 -25.96 -11.90
N TYR F 101 14.40 -26.91 -10.98
CA TYR F 101 13.78 -26.74 -9.66
C TYR F 101 14.47 -25.71 -8.73
N GLY F 102 15.78 -25.57 -8.85
CA GLY F 102 16.53 -24.69 -7.96
C GLY F 102 16.46 -23.19 -8.19
N SER F 103 17.06 -22.42 -7.28
CA SER F 103 17.05 -20.95 -7.35
C SER F 103 17.40 -20.39 -8.70
N PRO F 104 18.55 -20.79 -9.28
CA PRO F 104 18.82 -20.21 -10.60
C PRO F 104 17.79 -20.82 -11.57
N TYR F 105 16.79 -20.04 -11.97
CA TYR F 105 15.77 -20.56 -12.85
C TYR F 105 16.02 -20.31 -14.34
N TYR F 106 15.89 -21.39 -15.13
CA TYR F 106 16.07 -21.36 -16.58
C TYR F 106 15.91 -22.77 -17.15
N PHE F 107 15.71 -22.87 -18.46
CA PHE F 107 15.54 -24.16 -19.12
C PHE F 107 16.86 -24.89 -19.01
N ASP F 108 16.92 -25.98 -18.26
CA ASP F 108 18.18 -26.69 -18.12
C ASP F 108 18.34 -27.99 -18.91
N TYR F 109 17.25 -28.50 -19.46
CA TYR F 109 17.34 -29.74 -20.23
C TYR F 109 16.26 -29.78 -21.30
N TRP F 110 16.62 -30.23 -22.49
CA TRP F 110 15.68 -30.28 -23.60
C TRP F 110 15.61 -31.67 -24.22
N GLY F 111 14.40 -32.06 -24.61
CA GLY F 111 14.21 -33.34 -25.26
C GLY F 111 14.63 -33.14 -26.71
N GLN F 112 14.98 -34.21 -27.40
CA GLN F 112 15.40 -34.05 -28.79
C GLN F 112 14.27 -33.55 -29.69
N GLY F 113 13.05 -33.53 -29.15
CA GLY F 113 11.92 -33.05 -29.92
C GLY F 113 11.32 -33.98 -30.97
N THR F 114 9.99 -33.98 -31.07
CA THR F 114 9.24 -34.80 -32.01
C THR F 114 8.79 -33.99 -33.22
N THR F 115 9.10 -34.48 -34.43
CA THR F 115 8.70 -33.78 -35.65
C THR F 115 7.29 -34.21 -36.06
N LEU F 116 6.37 -33.26 -36.15
CA LEU F 116 5.01 -33.59 -36.53
C LEU F 116 4.77 -33.29 -38.00
N THR F 117 3.99 -34.13 -38.67
CA THR F 117 3.66 -33.90 -40.07
C THR F 117 2.17 -34.09 -40.27
N VAL F 118 1.46 -33.00 -40.49
CA VAL F 118 0.00 -33.04 -40.70
C VAL F 118 -0.18 -32.96 -42.19
N SER F 119 -0.35 -34.10 -42.84
CA SER F 119 -0.51 -34.10 -44.29
C SER F 119 -1.48 -35.13 -44.79
N SER F 120 -1.93 -34.94 -46.02
CA SER F 120 -2.83 -35.88 -46.64
C SER F 120 -2.02 -36.90 -47.46
N ALA F 121 -0.87 -36.47 -48.00
CA ALA F 121 -0.03 -37.34 -48.82
C ALA F 121 0.18 -38.69 -48.17
N LYS F 122 0.35 -39.72 -48.99
CA LYS F 122 0.52 -41.07 -48.49
C LYS F 122 1.97 -41.52 -48.57
N THR F 123 2.35 -42.42 -47.67
CA THR F 123 3.71 -42.94 -47.60
C THR F 123 4.13 -43.63 -48.89
N THR F 124 5.16 -43.09 -49.53
CA THR F 124 5.69 -43.63 -50.77
C THR F 124 7.21 -43.76 -50.69
N PRO F 125 7.77 -44.88 -51.18
CA PRO F 125 9.22 -45.10 -51.16
C PRO F 125 9.97 -44.13 -52.10
N PRO F 126 11.26 -43.92 -51.84
CA PRO F 126 12.04 -43.00 -52.68
C PRO F 126 12.60 -43.62 -53.94
N SER F 127 12.34 -42.98 -55.07
CA SER F 127 12.87 -43.42 -56.35
C SER F 127 14.33 -42.97 -56.36
N VAL F 128 15.24 -43.85 -55.96
CA VAL F 128 16.65 -43.52 -55.95
C VAL F 128 17.27 -43.69 -57.33
N TYR F 129 17.93 -42.65 -57.82
CA TYR F 129 18.55 -42.72 -59.13
C TYR F 129 20.01 -42.39 -58.98
N PRO F 130 20.87 -43.07 -59.75
CA PRO F 130 22.31 -42.83 -59.70
C PRO F 130 22.74 -41.64 -60.58
N LEU F 131 23.80 -40.96 -60.18
CA LEU F 131 24.30 -39.82 -60.93
C LEU F 131 25.79 -39.97 -61.19
N ALA F 132 26.18 -39.99 -62.46
CA ALA F 132 27.58 -40.10 -62.87
C ALA F 132 27.71 -39.16 -64.06
N PRO F 133 28.81 -38.41 -64.13
CA PRO F 133 29.07 -37.45 -65.22
C PRO F 133 29.38 -38.08 -66.57
N GLY F 134 29.49 -37.24 -67.59
CA GLY F 134 29.81 -37.74 -68.92
C GLY F 134 31.31 -38.06 -69.05
N SER F 135 32.15 -37.02 -68.98
CA SER F 135 33.60 -37.20 -69.06
C SER F 135 34.38 -35.96 -68.56
N ALA F 136 33.73 -34.80 -68.58
CA ALA F 136 34.36 -33.54 -68.14
C ALA F 136 34.97 -33.56 -66.75
N ALA F 137 34.27 -34.15 -65.79
CA ALA F 137 34.77 -34.21 -64.42
C ALA F 137 36.17 -34.83 -64.34
N GLN F 138 37.20 -33.99 -64.42
CA GLN F 138 38.56 -34.49 -64.38
C GLN F 138 39.55 -33.52 -63.76
N THR F 139 39.05 -32.47 -63.11
CA THR F 139 39.92 -31.48 -62.49
C THR F 139 40.49 -31.93 -61.13
N ASN F 140 41.40 -31.10 -60.62
CA ASN F 140 42.08 -31.25 -59.31
C ASN F 140 41.94 -32.57 -58.56
N SER F 141 42.21 -33.67 -59.27
CA SER F 141 42.17 -35.01 -58.72
C SER F 141 40.88 -35.35 -57.97
N MET F 142 39.79 -34.68 -58.34
CA MET F 142 38.51 -34.94 -57.67
C MET F 142 37.35 -35.10 -58.66
N VAL F 143 36.56 -36.14 -58.44
CA VAL F 143 35.39 -36.41 -59.27
C VAL F 143 34.18 -36.44 -58.36
N THR F 144 33.09 -35.86 -58.81
CA THR F 144 31.89 -35.80 -58.00
C THR F 144 30.81 -36.76 -58.49
N LEU F 145 30.16 -37.42 -57.54
CA LEU F 145 29.09 -38.39 -57.81
C LEU F 145 27.97 -38.08 -56.84
N GLY F 146 26.90 -38.86 -56.90
CA GLY F 146 25.78 -38.62 -56.00
C GLY F 146 24.48 -39.32 -56.36
N CYS F 147 23.63 -39.49 -55.35
CA CYS F 147 22.33 -40.12 -55.52
C CYS F 147 21.22 -39.09 -55.42
N LEU F 148 20.19 -39.28 -56.22
CA LEU F 148 19.03 -38.41 -56.21
C LEU F 148 17.91 -39.30 -55.69
N VAL F 149 17.45 -39.10 -54.46
CA VAL F 149 16.34 -39.90 -53.97
C VAL F 149 15.15 -39.00 -54.29
N LYS F 150 14.26 -39.49 -55.15
CA LYS F 150 13.14 -38.69 -55.60
C LYS F 150 11.76 -39.24 -55.31
N GLY F 151 10.82 -38.33 -55.04
CA GLY F 151 9.44 -38.69 -54.80
C GLY F 151 9.03 -39.55 -53.62
N TYR F 152 9.56 -39.28 -52.42
CA TYR F 152 9.17 -40.09 -51.28
C TYR F 152 8.30 -39.27 -50.32
N PHE F 153 7.84 -39.91 -49.25
CA PHE F 153 7.01 -39.26 -48.25
C PHE F 153 6.65 -40.24 -47.13
N PRO F 154 6.67 -39.78 -45.86
CA PRO F 154 7.00 -38.43 -45.42
C PRO F 154 8.48 -38.45 -45.14
N GLU F 155 9.00 -37.39 -44.53
CA GLU F 155 10.41 -37.38 -44.17
C GLU F 155 10.48 -38.28 -42.95
N PRO F 156 11.68 -38.72 -42.54
CA PRO F 156 12.99 -38.49 -43.12
C PRO F 156 13.58 -39.75 -43.73
N VAL F 157 14.64 -39.55 -44.50
CA VAL F 157 15.36 -40.63 -45.13
C VAL F 157 16.81 -40.49 -44.72
N THR F 158 17.41 -41.60 -44.37
CA THR F 158 18.79 -41.59 -43.96
C THR F 158 19.65 -42.05 -45.11
N VAL F 159 20.39 -41.12 -45.70
CA VAL F 159 21.28 -41.43 -46.80
C VAL F 159 22.69 -41.58 -46.26
N THR F 160 23.42 -42.59 -46.71
CA THR F 160 24.80 -42.80 -46.28
C THR F 160 25.59 -43.26 -47.49
N TRP F 161 26.91 -43.09 -47.44
CA TRP F 161 27.78 -43.53 -48.52
C TRP F 161 28.62 -44.70 -48.04
N ASN F 162 28.52 -45.80 -48.77
CA ASN F 162 29.25 -47.04 -48.47
C ASN F 162 29.05 -47.47 -47.03
N SER F 163 27.79 -47.72 -46.67
CA SER F 163 27.42 -48.17 -45.33
C SER F 163 27.92 -47.21 -44.25
N GLY F 164 28.06 -45.95 -44.65
CA GLY F 164 28.50 -44.89 -43.75
C GLY F 164 30.00 -44.65 -43.67
N SER F 165 30.78 -45.60 -44.18
CA SER F 165 32.24 -45.50 -44.13
C SER F 165 32.80 -44.41 -45.02
N LEU F 166 32.04 -44.01 -46.04
CA LEU F 166 32.47 -42.93 -46.92
C LEU F 166 31.76 -41.70 -46.39
N SER F 167 32.42 -40.99 -45.47
CA SER F 167 31.86 -39.79 -44.85
C SER F 167 32.34 -38.49 -45.48
N SER F 168 33.64 -38.21 -45.34
CA SER F 168 34.25 -36.99 -45.87
C SER F 168 33.97 -36.76 -47.35
N GLY F 169 33.43 -35.58 -47.68
CA GLY F 169 33.15 -35.25 -49.06
C GLY F 169 31.67 -35.25 -49.44
N VAL F 170 30.85 -35.81 -48.55
CA VAL F 170 29.40 -35.90 -48.74
C VAL F 170 28.68 -34.59 -48.41
N HIS F 171 27.63 -34.30 -49.15
CA HIS F 171 26.79 -33.12 -48.95
C HIS F 171 25.36 -33.58 -49.18
N THR F 172 24.70 -34.00 -48.11
CA THR F 172 23.32 -34.47 -48.22
C THR F 172 22.36 -33.30 -48.07
N PHE F 173 21.95 -32.70 -49.19
CA PHE F 173 21.05 -31.55 -49.18
C PHE F 173 19.66 -31.84 -48.63
N PRO F 174 19.04 -30.84 -48.00
CA PRO F 174 17.70 -30.94 -47.41
C PRO F 174 16.65 -31.29 -48.46
N ALA F 175 15.55 -31.88 -48.02
CA ALA F 175 14.50 -32.28 -48.95
C ALA F 175 13.42 -31.24 -49.16
N VAL F 176 13.06 -31.04 -50.42
CA VAL F 176 12.03 -30.10 -50.81
C VAL F 176 10.74 -30.89 -51.06
N LEU F 177 9.59 -30.28 -50.76
CA LEU F 177 8.30 -30.93 -50.95
C LEU F 177 7.65 -30.50 -52.27
N GLN F 178 8.01 -31.18 -53.35
CA GLN F 178 7.45 -30.87 -54.65
C GLN F 178 6.12 -31.60 -54.78
N SER F 179 5.03 -30.85 -54.68
CA SER F 179 3.67 -31.41 -54.80
C SER F 179 3.42 -32.63 -53.90
N ASP F 180 3.34 -32.39 -52.60
CA ASP F 180 3.10 -33.46 -51.62
C ASP F 180 4.07 -34.63 -51.70
N LEU F 181 5.26 -34.36 -52.22
CA LEU F 181 6.30 -35.38 -52.36
C LEU F 181 7.66 -34.72 -52.13
N TYR F 182 8.59 -35.48 -51.57
CA TYR F 182 9.92 -34.96 -51.32
C TYR F 182 10.91 -35.47 -52.34
N THR F 183 12.05 -34.80 -52.39
CA THR F 183 13.11 -35.12 -53.30
C THR F 183 14.34 -34.45 -52.74
N LEU F 184 15.47 -35.15 -52.78
CA LEU F 184 16.71 -34.60 -52.27
C LEU F 184 17.85 -35.28 -53.01
N SER F 185 19.08 -34.98 -52.60
CA SER F 185 20.23 -35.57 -53.24
C SER F 185 21.39 -35.55 -52.27
N SER F 186 22.40 -36.35 -52.54
CA SER F 186 23.56 -36.40 -51.66
C SER F 186 24.82 -36.62 -52.48
N SER F 187 25.57 -35.55 -52.75
CA SER F 187 26.79 -35.67 -53.53
C SER F 187 27.98 -36.14 -52.69
N VAL F 188 28.83 -36.95 -53.33
CA VAL F 188 30.03 -37.48 -52.71
C VAL F 188 31.21 -37.21 -53.66
N THR F 189 32.32 -36.80 -53.08
CA THR F 189 33.50 -36.48 -53.86
C THR F 189 34.64 -37.46 -53.65
N VAL F 190 35.03 -38.12 -54.73
CA VAL F 190 36.11 -39.11 -54.67
C VAL F 190 37.35 -38.64 -55.43
N PRO F 191 38.54 -39.07 -54.98
CA PRO F 191 39.86 -38.75 -55.53
C PRO F 191 40.08 -39.39 -56.89
N SER F 192 39.71 -38.68 -57.95
CA SER F 192 39.85 -39.11 -59.34
C SER F 192 40.14 -40.60 -59.59
N SER F 193 41.33 -41.04 -59.20
CA SER F 193 41.75 -42.43 -59.38
C SER F 193 41.13 -43.36 -58.34
N THR F 194 39.80 -43.32 -58.22
CA THR F 194 39.08 -44.12 -57.24
C THR F 194 37.80 -44.80 -57.74
N TRP F 195 36.70 -44.06 -57.79
CA TRP F 195 35.40 -44.62 -58.20
C TRP F 195 35.29 -45.46 -59.46
N PRO F 196 36.03 -45.14 -60.54
CA PRO F 196 35.85 -46.02 -61.68
C PRO F 196 36.32 -47.44 -61.35
N SER F 197 37.08 -47.59 -60.26
CA SER F 197 37.59 -48.88 -59.83
C SER F 197 37.52 -49.05 -58.30
N GLU F 198 36.49 -48.45 -57.72
CA GLU F 198 36.28 -48.52 -56.29
C GLU F 198 34.80 -48.41 -55.97
N THR F 199 34.39 -49.10 -54.93
CA THR F 199 32.99 -49.12 -54.50
C THR F 199 32.52 -47.79 -53.91
N VAL F 200 31.60 -47.14 -54.61
CA VAL F 200 31.01 -45.89 -54.16
C VAL F 200 29.52 -46.10 -54.39
N THR F 201 28.85 -46.55 -53.34
CA THR F 201 27.43 -46.88 -53.37
C THR F 201 26.70 -46.05 -52.32
N CYS F 202 25.46 -45.68 -52.59
CA CYS F 202 24.71 -44.94 -51.59
C CYS F 202 23.65 -45.87 -50.99
N ASN F 203 23.45 -45.78 -49.67
CA ASN F 203 22.48 -46.60 -48.96
C ASN F 203 21.31 -45.70 -48.53
N VAL F 204 20.26 -45.69 -49.34
CA VAL F 204 19.09 -44.87 -49.08
C VAL F 204 18.03 -45.61 -48.28
N ALA F 205 17.91 -45.27 -47.01
CA ALA F 205 16.93 -45.91 -46.12
C ALA F 205 15.76 -44.98 -45.84
N HIS F 206 14.55 -45.49 -45.99
CA HIS F 206 13.36 -44.70 -45.73
C HIS F 206 12.51 -45.52 -44.79
N PRO F 207 12.68 -45.33 -43.48
CA PRO F 207 11.94 -46.03 -42.43
C PRO F 207 10.43 -46.02 -42.62
N ALA F 208 9.89 -44.86 -43.00
CA ALA F 208 8.45 -44.72 -43.21
C ALA F 208 7.82 -45.76 -44.15
N SER F 209 8.43 -45.97 -45.32
CA SER F 209 7.92 -46.93 -46.32
C SER F 209 8.59 -48.28 -46.26
N SER F 210 9.39 -48.49 -45.20
CA SER F 210 10.13 -49.74 -45.00
C SER F 210 10.94 -50.12 -46.25
N THR F 211 11.51 -49.11 -46.89
CA THR F 211 12.29 -49.30 -48.11
C THR F 211 13.71 -48.82 -47.93
N LYS F 212 14.67 -49.65 -48.32
CA LYS F 212 16.08 -49.30 -48.25
C LYS F 212 16.65 -49.83 -49.54
N VAL F 213 17.43 -49.02 -50.24
CA VAL F 213 18.00 -49.42 -51.51
C VAL F 213 19.45 -48.98 -51.61
N ASP F 214 20.18 -49.60 -52.52
CA ASP F 214 21.58 -49.29 -52.72
C ASP F 214 21.84 -49.08 -54.20
N LYS F 215 22.46 -47.96 -54.52
CA LYS F 215 22.77 -47.62 -55.89
C LYS F 215 24.25 -47.36 -56.08
N LYS F 216 24.96 -48.41 -56.49
CA LYS F 216 26.39 -48.33 -56.73
C LYS F 216 26.52 -47.42 -57.92
N ILE F 217 27.16 -46.28 -57.70
CA ILE F 217 27.37 -45.32 -58.76
C ILE F 217 28.39 -45.94 -59.72
N VAL F 218 27.90 -46.34 -60.89
CA VAL F 218 28.73 -46.96 -61.91
C VAL F 218 28.88 -46.09 -63.14
N PRO F 219 30.07 -46.11 -63.76
CA PRO F 219 30.34 -45.31 -64.95
C PRO F 219 29.34 -45.69 -66.02
N LYS F 220 28.76 -44.68 -66.66
CA LYS F 220 27.78 -44.92 -67.71
C LYS F 220 28.40 -45.08 -69.09
PB PB G . -25.75 10.84 47.78
PB PB H . 40.73 -19.41 -31.55
#